data_1TME
#
_entry.id   1TME
#
_cell.length_a   360.500
_cell.length_b   338.400
_cell.length_c   348.100
_cell.angle_alpha   90.00
_cell.angle_beta   90.00
_cell.angle_gamma   90.00
#
_symmetry.space_group_name_H-M   'P 21 21 2'
#
loop_
_entity.id
_entity.type
_entity.pdbx_description
1 polymer "THEILER'S MURINE ENCEPHALOMYELITIS VIRUS (SUBUNIT VP1)"
2 polymer "THEILER'S MURINE ENCEPHALOMYELITIS VIRUS (SUBUNIT VP2)"
3 polymer "THEILER'S MURINE ENCEPHALOMYELITIS VIRUS (SUBUNIT VP3)"
4 polymer "THEILER'S MURINE ENCEPHALOMYELITIS VIRUS (SUBUNIT VP4)"
5 water water
#
loop_
_entity_poly.entity_id
_entity_poly.type
_entity_poly.pdbx_seq_one_letter_code
_entity_poly.pdbx_strand_id
1 'polypeptide(L)'
;GSDNAEKGKVSNDDASVDFVAEPVKLPENQTRVAFFYDRAVPIGMLRPGQNIESTFVYQENDLRLNCLLLTPLPSFCPDS
TSGPVKTKAPVQWRWVRSGGTTNFPLMTKQDYAFLCFSPFTYYKCDLEVTVSALGTDTVASVLRWAPTGAPADVTDQLIG
YTPSLGETRNPHMWLVGAGNTQISFVVPYNSPLSVLPAAWFNGWSDFGNTKDFGVAPNADFGRLWIQGNTSASVRIRYKK
MKVFCPRPTLFFPWPVSTRSKINADNPVPILELE
;
1
2 'polypeptide(L)'
;DQNTEEMENLSDRVASDKAGNSATNTQSTVGRLCGYGEAHHGEHPASCADTATDKVLAAERYYTIDLASWTTTQEAFSHI
RIPLPHVLAGEDGGVFGATLRRHYLCKTGWRVQVQCNASQFHAGSLLVFMAPEFYTGKGTKTGDMEPTDPFTMDTTWRAP
QGAPTGYRYDSRTGFFAMNHQNQWQWTVYPHQILNLRTNTTVDLEVPYVNIAPTSSWTQHANWTLVVAVFSPLQYASGSS
SDVQITASIQPVNPVFNGLRHETVIAQ
;
2
3 'polypeptide(L)'
;SPIAVTVREHKGCFYSTNPDTTVPIYGKTISTPNDYMCGEFSDLLELCKLPTFLGNPNSNNKRYPYFSATNSVPTTSLVD
YQVALSCSCMCNSMLAAVARNFNQYRGSLNFLFVFTGAAMVKGKFLIAYTPPGAGKPTTRDQAMQATYAIWDLGLNSSFV
FTAPFISPTHYRQTSYTSATIASVDGWVTVWQLTPLTYPSGTPVNSDILTLVSAGDDFTLRMPISPTKWVPQGSDN
;
3
4 'polypeptide(L)' GNASSSDKSNSQSSGNEGVIINNFYSNQYQNSIDLSASGGNAGDAPQNNGQLSNILGGAANAFATMAPLLL 4
#
# COMPACT_ATOMS: atom_id res chain seq x y z
N GLY A 1 11.98 -21.27 14.74
CA GLY A 1 12.11 -21.17 16.32
C GLY A 1 12.59 -19.77 16.86
N SER A 2 13.48 -19.87 17.78
CA SER A 2 14.05 -18.60 18.43
C SER A 2 14.68 -17.48 17.48
N ASP A 3 14.31 -16.31 17.80
CA ASP A 3 14.75 -15.10 16.94
C ASP A 3 14.59 -13.66 17.61
N ASN A 4 14.64 -12.70 16.80
CA ASN A 4 14.48 -11.26 17.27
C ASN A 4 13.84 -10.18 16.32
N ALA A 5 12.57 -10.13 16.42
CA ALA A 5 11.85 -9.12 15.51
C ALA A 5 12.38 -7.63 15.44
N GLU A 6 12.96 -7.29 16.57
CA GLU A 6 13.51 -5.87 16.63
C GLU A 6 14.34 -5.28 15.41
N LYS A 7 15.17 -6.18 14.99
CA LYS A 7 16.08 -5.74 13.87
C LYS A 7 15.45 -5.44 12.48
N GLY A 8 14.18 -5.52 12.48
CA GLY A 8 13.45 -5.22 11.18
C GLY A 8 13.06 -6.50 10.35
N LYS A 9 13.53 -7.57 10.93
CA LYS A 9 13.15 -8.85 10.27
C LYS A 9 13.54 -10.20 10.89
N VAL A 10 12.77 -11.11 10.40
CA VAL A 10 13.00 -12.49 10.94
C VAL A 10 13.04 -13.73 10.02
N SER A 11 13.71 -14.66 10.63
CA SER A 11 13.76 -15.97 9.86
C SER A 11 12.37 -16.41 9.22
N ASN A 12 12.42 -16.53 8.00
CA ASN A 12 11.17 -17.02 7.27
C ASN A 12 11.09 -18.58 6.99
N ASP A 13 10.75 -19.22 8.06
CA ASP A 13 10.76 -20.72 8.04
C ASP A 13 9.66 -21.57 7.33
N ASP A 14 10.05 -22.78 7.30
CA ASP A 14 9.11 -23.91 6.80
C ASP A 14 9.12 -25.11 7.87
N ALA A 15 8.22 -25.94 7.80
CA ALA A 15 8.15 -27.04 8.88
C ALA A 15 9.50 -27.79 9.33
N SER A 16 10.21 -28.07 8.31
CA SER A 16 11.55 -28.78 8.53
C SER A 16 12.60 -28.12 9.52
N VAL A 17 12.37 -26.86 9.73
CA VAL A 17 13.33 -26.14 10.67
C VAL A 17 13.30 -26.56 12.20
N ASP A 18 12.13 -26.37 12.72
CA ASP A 18 11.93 -26.76 14.20
C ASP A 18 11.57 -28.27 14.47
N PHE A 19 11.10 -28.82 13.42
CA PHE A 19 10.73 -30.30 13.51
C PHE A 19 11.18 -31.42 12.52
N VAL A 20 11.01 -32.59 13.03
CA VAL A 20 11.30 -33.73 12.07
C VAL A 20 10.26 -33.81 10.86
N ALA A 21 10.41 -32.81 10.12
CA ALA A 21 9.50 -32.63 8.89
C ALA A 21 10.21 -32.08 7.58
N GLU A 22 9.41 -31.64 6.72
CA GLU A 22 10.00 -30.99 5.50
C GLU A 22 9.21 -30.11 4.48
N PRO A 23 10.06 -29.47 3.75
CA PRO A 23 9.45 -28.54 2.70
C PRO A 23 8.43 -29.17 1.68
N VAL A 24 7.30 -28.72 1.75
CA VAL A 24 6.25 -29.29 0.81
C VAL A 24 5.87 -28.42 -0.45
N LYS A 25 6.76 -27.57 -0.71
CA LYS A 25 6.57 -26.62 -1.85
C LYS A 25 6.40 -27.15 -3.31
N LEU A 26 5.43 -26.61 -3.96
CA LEU A 26 5.26 -26.91 -5.42
C LEU A 26 5.39 -25.65 -6.37
N PRO A 27 5.94 -25.95 -7.46
CA PRO A 27 6.00 -24.81 -8.48
C PRO A 27 4.63 -24.03 -8.69
N GLU A 28 4.73 -22.92 -8.99
CA GLU A 28 3.48 -22.06 -9.14
C GLU A 28 3.65 -20.54 -9.51
N ASN A 29 3.10 -20.20 -10.56
CA ASN A 29 3.25 -18.79 -11.05
C ASN A 29 2.14 -17.70 -10.97
N GLN A 30 1.00 -18.21 -10.79
CA GLN A 30 -0.20 -17.26 -10.80
C GLN A 30 -0.26 -16.07 -9.80
N THR A 31 0.75 -16.07 -8.96
CA THR A 31 0.82 -14.92 -7.97
C THR A 31 1.70 -13.66 -8.33
N ARG A 32 1.88 -13.58 -9.56
CA ARG A 32 2.74 -12.43 -10.06
C ARG A 32 2.05 -11.08 -10.44
N VAL A 33 2.60 -10.12 -9.78
CA VAL A 33 2.01 -8.76 -10.10
C VAL A 33 1.46 -8.61 -11.58
N ALA A 34 2.38 -8.75 -12.47
CA ALA A 34 1.96 -8.67 -13.95
C ALA A 34 0.73 -9.56 -14.43
N PHE A 35 1.00 -10.83 -14.29
CA PHE A 35 -0.17 -11.79 -14.60
C PHE A 35 -1.57 -11.55 -13.91
N PHE A 36 -1.33 -11.37 -12.62
CA PHE A 36 -2.57 -11.02 -11.77
C PHE A 36 -3.51 -9.80 -12.11
N TYR A 37 -2.80 -8.71 -12.29
CA TYR A 37 -3.55 -7.46 -12.72
C TYR A 37 -3.92 -7.44 -14.26
N ASP A 38 -3.32 -8.41 -14.89
CA ASP A 38 -3.58 -8.53 -16.40
C ASP A 38 -4.96 -9.19 -16.82
N ARG A 39 -5.91 -8.67 -16.19
CA ARG A 39 -7.34 -9.10 -16.51
C ARG A 39 -8.39 -7.91 -16.44
N ALA A 40 -9.29 -8.00 -17.30
CA ALA A 40 -10.33 -6.88 -17.36
C ALA A 40 -11.33 -6.65 -16.16
N VAL A 41 -11.48 -5.42 -15.92
CA VAL A 41 -12.41 -5.00 -14.78
C VAL A 41 -13.17 -3.63 -14.99
N PRO A 42 -14.42 -3.72 -14.76
CA PRO A 42 -15.25 -2.44 -14.98
C PRO A 42 -14.92 -1.19 -14.05
N ILE A 43 -14.80 -0.10 -14.57
CA ILE A 43 -14.57 1.10 -13.67
C ILE A 43 -15.74 2.15 -13.64
N GLY A 44 -16.49 1.98 -14.67
CA GLY A 44 -17.71 2.86 -14.85
C GLY A 44 -18.46 2.60 -16.22
N MET A 45 -19.22 3.52 -16.54
CA MET A 45 -19.95 3.41 -17.85
C MET A 45 -20.21 4.77 -18.56
N LEU A 46 -20.41 4.62 -19.79
CA LEU A 46 -20.68 5.85 -20.60
C LEU A 46 -22.12 6.02 -21.18
N ARG A 47 -22.61 7.12 -20.87
CA ARG A 47 -23.97 7.46 -21.44
C ARG A 47 -24.01 8.76 -22.33
N PRO A 48 -24.36 8.47 -23.49
CA PRO A 48 -24.43 9.66 -24.47
C PRO A 48 -25.46 10.81 -24.16
N GLY A 49 -24.94 11.94 -24.05
CA GLY A 49 -25.87 13.13 -23.80
C GLY A 49 -26.55 13.61 -25.16
N GLN A 50 -25.84 13.13 -26.20
CA GLN A 50 -26.40 13.47 -27.56
C GLN A 50 -26.12 12.60 -28.84
N ASN A 51 -27.04 12.79 -29.75
CA ASN A 51 -26.92 12.09 -31.08
C ASN A 51 -25.52 11.91 -31.78
N ILE A 52 -25.59 11.12 -32.77
CA ILE A 52 -24.32 11.08 -33.60
C ILE A 52 -24.19 12.29 -34.63
N GLU A 53 -25.30 12.95 -34.67
CA GLU A 53 -25.39 14.15 -35.60
C GLU A 53 -25.23 15.62 -35.05
N SER A 54 -24.90 15.60 -33.84
CA SER A 54 -24.79 16.94 -33.16
C SER A 54 -23.48 17.36 -32.43
N THR A 55 -23.61 18.55 -31.97
CA THR A 55 -22.46 19.06 -31.15
C THR A 55 -22.42 18.52 -29.65
N PHE A 56 -21.41 17.80 -29.46
CA PHE A 56 -21.25 17.28 -28.03
C PHE A 56 -21.17 18.24 -26.79
N VAL A 57 -21.80 17.83 -25.84
CA VAL A 57 -21.82 18.65 -24.56
C VAL A 57 -21.82 17.85 -23.21
N TYR A 58 -20.89 18.24 -22.40
CA TYR A 58 -20.89 17.52 -21.10
C TYR A 58 -22.35 17.30 -20.52
N GLN A 59 -22.54 16.12 -20.21
CA GLN A 59 -23.88 15.79 -19.65
C GLN A 59 -24.01 14.64 -18.60
N GLU A 60 -24.51 15.08 -17.53
CA GLU A 60 -24.80 14.07 -16.46
C GLU A 60 -26.31 13.60 -16.28
N ASN A 61 -26.43 12.50 -15.87
CA ASN A 61 -27.79 11.91 -15.64
C ASN A 61 -27.90 10.67 -14.69
N ASP A 62 -28.42 10.99 -13.56
CA ASP A 62 -28.42 9.90 -12.52
C ASP A 62 -26.97 9.27 -12.31
N LEU A 63 -26.11 10.22 -12.08
CA LEU A 63 -24.66 9.82 -11.88
C LEU A 63 -23.91 9.27 -13.13
N ARG A 64 -24.66 9.24 -14.18
CA ARG A 64 -23.99 8.80 -15.49
C ARG A 64 -23.43 9.96 -16.40
N LEU A 65 -22.26 9.73 -16.83
CA LEU A 65 -21.64 10.80 -17.72
C LEU A 65 -21.34 10.42 -19.21
N ASN A 66 -21.41 11.48 -19.99
CA ASN A 66 -21.02 11.26 -21.44
C ASN A 66 -19.47 11.38 -21.75
N CYS A 67 -18.86 11.26 -20.60
CA CYS A 67 -17.35 11.33 -20.59
C CYS A 67 -16.64 10.74 -19.31
N LEU A 68 -15.59 10.05 -19.60
CA LEU A 68 -14.89 9.47 -18.42
C LEU A 68 -13.36 9.40 -18.32
N LEU A 69 -12.98 9.57 -17.08
CA LEU A 69 -11.51 9.55 -16.74
C LEU A 69 -10.82 8.16 -16.58
N LEU A 70 -9.87 7.97 -17.43
CA LEU A 70 -9.12 6.67 -17.34
C LEU A 70 -8.06 6.53 -16.20
N THR A 71 -8.59 6.18 -15.13
CA THR A 71 -7.75 5.91 -13.89
C THR A 71 -8.42 4.90 -12.88
N PRO A 72 -7.60 4.14 -12.33
CA PRO A 72 -8.19 3.15 -11.30
C PRO A 72 -8.89 3.82 -10.03
N LEU A 73 -8.19 4.92 -9.79
CA LEU A 73 -8.67 5.78 -8.64
C LEU A 73 -10.07 6.44 -8.83
N PRO A 74 -10.61 6.76 -7.72
CA PRO A 74 -12.01 7.38 -7.80
C PRO A 74 -12.17 8.74 -8.58
N SER A 75 -13.15 8.75 -9.37
CA SER A 75 -13.40 10.03 -10.12
C SER A 75 -14.87 10.49 -10.39
N PHE A 76 -14.92 11.70 -10.58
CA PHE A 76 -16.27 12.37 -10.86
C PHE A 76 -16.38 13.90 -11.16
N CYS A 77 -17.50 14.24 -11.70
CA CYS A 77 -17.59 15.75 -11.89
C CYS A 77 -16.94 16.50 -10.62
N PRO A 78 -16.10 17.37 -10.91
CA PRO A 78 -15.41 18.09 -9.75
C PRO A 78 -16.30 18.55 -8.52
N ASP A 79 -15.86 18.14 -7.45
CA ASP A 79 -16.65 18.52 -6.19
C ASP A 79 -16.59 20.05 -5.79
N SER A 80 -17.60 20.43 -5.17
CA SER A 80 -17.69 21.89 -4.67
C SER A 80 -18.54 22.13 -3.35
N THR A 81 -18.03 23.04 -2.57
CA THR A 81 -18.83 23.31 -1.28
C THR A 81 -20.40 23.22 -1.50
N SER A 82 -20.67 23.63 -2.71
CA SER A 82 -22.14 23.58 -3.14
C SER A 82 -22.65 22.33 -3.97
N GLY A 83 -21.76 21.39 -4.05
CA GLY A 83 -22.08 20.10 -4.82
C GLY A 83 -21.19 19.88 -6.12
N PRO A 84 -21.06 18.61 -6.46
CA PRO A 84 -20.21 18.39 -7.73
C PRO A 84 -20.67 19.19 -9.02
N VAL A 85 -19.74 19.89 -9.51
CA VAL A 85 -20.10 20.71 -10.76
C VAL A 85 -20.30 19.87 -12.09
N LYS A 86 -21.52 19.42 -12.19
CA LYS A 86 -21.85 18.51 -13.34
C LYS A 86 -21.78 18.98 -14.81
N THR A 87 -21.56 20.19 -14.93
CA THR A 87 -21.39 20.73 -16.35
C THR A 87 -19.91 20.57 -16.90
N LYS A 88 -19.22 19.80 -16.06
CA LYS A 88 -17.78 19.56 -16.41
C LYS A 88 -17.21 18.12 -16.45
N ALA A 89 -16.12 18.14 -17.18
CA ALA A 89 -15.39 16.80 -17.23
C ALA A 89 -14.93 16.20 -15.83
N PRO A 90 -15.18 14.98 -15.74
CA PRO A 90 -14.71 14.30 -14.46
C PRO A 90 -13.19 14.49 -14.06
N VAL A 91 -12.99 14.52 -12.90
CA VAL A 91 -11.56 14.60 -12.40
C VAL A 91 -11.26 13.60 -11.22
N GLN A 92 -10.06 13.50 -10.95
CA GLN A 92 -9.75 12.58 -9.80
C GLN A 92 -10.21 13.06 -8.36
N TRP A 93 -10.96 12.20 -7.82
CA TRP A 93 -11.42 12.49 -6.40
C TRP A 93 -10.52 11.82 -5.29
N ARG A 94 -10.66 12.31 -4.16
CA ARG A 94 -9.81 11.72 -3.01
C ARG A 94 -10.49 10.65 -2.09
N TRP A 95 -11.65 10.39 -2.48
CA TRP A 95 -12.45 9.32 -1.76
C TRP A 95 -13.66 8.75 -2.56
N VAL A 96 -13.99 7.62 -2.16
CA VAL A 96 -15.22 6.98 -2.82
C VAL A 96 -16.59 7.50 -2.21
N ARG A 97 -17.52 7.60 -3.03
CA ARG A 97 -18.84 8.15 -2.51
C ARG A 97 -20.20 7.59 -3.05
N SER A 98 -20.99 7.27 -2.06
CA SER A 98 -22.38 6.76 -2.43
C SER A 98 -23.23 7.69 -3.40
N GLY A 99 -23.75 7.04 -4.36
CA GLY A 99 -24.63 7.86 -5.30
C GLY A 99 -25.78 8.63 -4.52
N GLY A 100 -26.19 7.92 -3.50
CA GLY A 100 -27.29 8.50 -2.63
C GLY A 100 -27.32 7.99 -1.13
N THR A 101 -28.51 7.90 -0.67
CA THR A 101 -28.68 7.45 0.78
C THR A 101 -28.03 6.09 1.23
N THR A 102 -28.47 5.08 0.58
CA THR A 102 -27.78 3.72 0.82
C THR A 102 -26.32 3.69 0.18
N ASN A 103 -25.53 2.85 0.67
CA ASN A 103 -24.14 2.77 0.06
C ASN A 103 -23.94 2.68 -1.50
N PHE A 104 -24.82 1.92 -2.01
CA PHE A 104 -24.83 1.74 -3.54
C PHE A 104 -26.09 2.07 -4.42
N PRO A 105 -25.90 2.45 -5.59
CA PRO A 105 -24.51 2.51 -6.22
C PRO A 105 -23.61 3.69 -5.77
N LEU A 106 -22.56 3.71 -6.46
CA LEU A 106 -21.61 4.83 -6.21
C LEU A 106 -21.72 6.07 -7.14
N MET A 107 -21.54 7.15 -6.52
CA MET A 107 -21.53 8.44 -7.35
C MET A 107 -20.22 8.50 -8.20
N THR A 108 -19.23 8.00 -7.48
CA THR A 108 -17.87 7.92 -8.15
C THR A 108 -17.54 6.64 -9.01
N LYS A 109 -16.73 6.92 -9.93
CA LYS A 109 -16.22 5.79 -10.79
C LYS A 109 -14.76 5.34 -10.42
N GLN A 110 -14.55 4.14 -10.59
CA GLN A 110 -13.20 3.58 -10.19
C GLN A 110 -13.04 2.01 -10.24
N ASP A 111 -11.82 1.66 -10.18
CA ASP A 111 -11.55 0.15 -10.10
C ASP A 111 -11.58 -0.40 -8.60
N TYR A 112 -12.81 -0.61 -8.19
CA TYR A 112 -13.00 -1.08 -6.76
C TYR A 112 -12.06 -2.25 -6.31
N ALA A 113 -11.94 -3.13 -7.27
CA ALA A 113 -10.95 -4.28 -7.00
C ALA A 113 -9.48 -3.78 -6.67
N PHE A 114 -9.08 -3.05 -7.71
CA PHE A 114 -7.71 -2.38 -7.48
C PHE A 114 -7.47 -1.50 -6.19
N LEU A 115 -8.58 -0.86 -5.86
CA LEU A 115 -8.57 -0.07 -4.56
C LEU A 115 -8.53 -0.95 -3.25
N CYS A 116 -9.43 -1.90 -3.31
CA CYS A 116 -9.47 -2.88 -2.11
C CYS A 116 -8.16 -3.77 -1.98
N PHE A 117 -7.53 -3.75 -3.11
CA PHE A 117 -6.20 -4.50 -3.20
C PHE A 117 -4.99 -4.06 -4.10
N SER A 118 -4.43 -3.03 -3.59
CA SER A 118 -3.17 -2.43 -4.26
C SER A 118 -1.92 -2.34 -3.27
N PRO A 119 -1.49 -3.53 -2.98
CA PRO A 119 -0.34 -3.62 -1.97
C PRO A 119 0.99 -2.81 -2.23
N PHE A 120 0.77 -1.83 -3.00
CA PHE A 120 1.96 -0.94 -3.39
C PHE A 120 1.86 0.62 -3.56
N THR A 121 2.95 1.24 -3.30
CA THR A 121 2.91 2.76 -3.38
C THR A 121 2.82 3.45 -4.79
N TYR A 122 3.55 2.90 -5.66
CA TYR A 122 3.57 3.40 -7.06
C TYR A 122 3.40 2.25 -8.15
N TYR A 123 2.89 2.63 -9.20
CA TYR A 123 2.76 1.67 -10.32
C TYR A 123 2.86 2.29 -11.76
N LYS A 124 2.98 1.41 -12.61
CA LYS A 124 2.92 1.82 -14.04
C LYS A 124 2.64 0.68 -15.04
N CYS A 125 2.13 1.11 -16.06
CA CYS A 125 1.71 0.12 -17.13
C CYS A 125 0.99 0.77 -18.36
N ASP A 126 0.75 -0.07 -19.23
CA ASP A 126 -0.12 0.43 -20.37
C ASP A 126 -1.64 0.03 -20.05
N LEU A 127 -2.44 0.70 -20.61
CA LEU A 127 -3.89 0.43 -20.31
C LEU A 127 -4.76 -0.07 -21.50
N GLU A 128 -5.18 -1.26 -21.32
CA GLU A 128 -6.15 -1.82 -22.34
C GLU A 128 -7.70 -1.58 -22.05
N VAL A 129 -8.20 -0.77 -22.86
CA VAL A 129 -9.64 -0.40 -22.66
C VAL A 129 -10.74 -1.12 -23.51
N THR A 130 -11.72 -1.50 -22.81
CA THR A 130 -12.90 -2.14 -23.51
C THR A 130 -14.30 -1.45 -23.26
N VAL A 131 -14.83 -1.11 -24.34
CA VAL A 131 -16.20 -0.43 -24.27
C VAL A 131 -17.41 -1.25 -24.85
N SER A 132 -18.06 -1.85 -23.91
CA SER A 132 -19.24 -2.75 -24.32
C SER A 132 -20.71 -2.22 -24.21
N ALA A 133 -21.34 -2.37 -25.33
CA ALA A 133 -22.79 -1.91 -25.36
C ALA A 133 -23.82 -2.53 -24.32
N LEU A 134 -24.45 -1.65 -23.69
CA LEU A 134 -25.49 -2.12 -22.68
C LEU A 134 -26.92 -2.38 -23.27
N GLY A 135 -27.04 -1.90 -24.47
CA GLY A 135 -28.37 -2.03 -25.17
C GLY A 135 -28.40 -2.95 -26.45
N THR A 136 -29.61 -3.16 -26.86
CA THR A 136 -29.79 -4.07 -28.06
C THR A 136 -30.17 -3.50 -29.46
N ASP A 137 -30.26 -2.24 -29.49
CA ASP A 137 -30.58 -1.54 -30.79
C ASP A 137 -29.38 -1.33 -31.79
N THR A 138 -29.75 -1.55 -33.03
CA THR A 138 -28.64 -1.22 -34.01
C THR A 138 -27.84 0.09 -33.58
N VAL A 139 -26.66 -0.15 -33.30
CA VAL A 139 -25.78 0.95 -32.80
C VAL A 139 -25.19 2.01 -33.79
N ALA A 140 -25.21 3.13 -33.33
CA ALA A 140 -24.55 4.31 -34.08
C ALA A 140 -23.76 5.26 -33.07
N SER A 141 -22.54 4.90 -33.02
CA SER A 141 -21.71 5.60 -31.97
C SER A 141 -20.25 6.03 -32.27
N VAL A 142 -19.99 7.15 -31.72
CA VAL A 142 -18.58 7.68 -31.83
C VAL A 142 -17.81 7.91 -30.47
N LEU A 143 -16.67 7.44 -30.52
CA LEU A 143 -15.80 7.54 -29.29
C LEU A 143 -14.43 8.28 -29.48
N ARG A 144 -14.30 9.23 -28.68
CA ARG A 144 -13.00 10.00 -28.72
C ARG A 144 -12.04 9.81 -27.46
N TRP A 145 -10.87 9.57 -27.80
CA TRP A 145 -9.83 9.44 -26.72
C TRP A 145 -8.70 10.52 -26.75
N ALA A 146 -8.25 10.74 -25.64
CA ALA A 146 -7.08 11.71 -25.48
C ALA A 146 -6.12 11.48 -24.25
N PRO A 147 -4.94 11.63 -24.54
CA PRO A 147 -3.88 11.43 -23.44
C PRO A 147 -3.96 12.40 -22.19
N THR A 148 -3.53 11.90 -21.11
CA THR A 148 -3.58 12.86 -19.92
C THR A 148 -3.00 14.31 -20.24
N GLY A 149 -3.71 15.26 -19.79
CA GLY A 149 -3.25 16.68 -20.01
C GLY A 149 -3.65 17.39 -21.36
N ALA A 150 -4.11 16.59 -22.25
CA ALA A 150 -4.54 17.20 -23.58
C ALA A 150 -5.87 18.08 -23.59
N PRO A 151 -5.81 19.04 -24.41
CA PRO A 151 -7.09 19.86 -24.56
C PRO A 151 -8.42 19.07 -24.92
N ALA A 152 -9.35 19.34 -24.08
CA ALA A 152 -10.70 18.65 -24.34
C ALA A 152 -11.38 18.97 -25.74
N ASP A 153 -10.89 20.13 -26.20
CA ASP A 153 -11.46 20.58 -27.54
C ASP A 153 -13.01 20.27 -27.70
N VAL A 154 -13.58 20.45 -26.59
CA VAL A 154 -15.11 20.25 -26.57
C VAL A 154 -15.91 21.42 -27.23
N THR A 155 -15.41 21.65 -28.41
CA THR A 155 -15.99 22.78 -29.28
C THR A 155 -17.21 22.40 -30.21
N ASP A 156 -17.63 23.35 -30.92
CA ASP A 156 -18.79 23.13 -31.87
C ASP A 156 -18.59 22.30 -33.19
N GLN A 157 -19.64 21.64 -33.49
CA GLN A 157 -19.65 20.95 -34.84
C GLN A 157 -19.14 21.86 -36.05
N LEU A 158 -18.16 21.45 -36.64
CA LEU A 158 -17.73 22.23 -37.88
C LEU A 158 -18.62 21.90 -39.14
N ILE A 159 -18.78 20.62 -39.26
CA ILE A 159 -19.68 20.05 -40.36
C ILE A 159 -21.12 19.60 -39.85
N GLY A 160 -22.06 20.28 -40.32
CA GLY A 160 -23.47 19.96 -39.89
C GLY A 160 -23.91 18.45 -40.00
N TYR A 161 -24.79 18.13 -39.12
CA TYR A 161 -25.33 16.73 -39.13
C TYR A 161 -24.31 15.56 -38.85
N THR A 162 -23.21 16.00 -38.43
CA THR A 162 -22.13 14.98 -38.04
C THR A 162 -21.60 15.15 -36.56
N PRO A 163 -21.02 14.15 -36.11
CA PRO A 163 -20.51 14.21 -34.66
C PRO A 163 -19.28 15.14 -34.32
N SER A 164 -19.53 16.08 -33.52
CA SER A 164 -18.34 16.97 -33.18
C SER A 164 -17.05 16.19 -32.62
N LEU A 165 -17.41 15.22 -31.80
CA LEU A 165 -16.28 14.39 -31.24
C LEU A 165 -15.32 13.77 -32.32
N GLY A 166 -15.96 13.42 -33.40
CA GLY A 166 -15.18 12.82 -34.57
C GLY A 166 -14.22 13.84 -35.30
N GLU A 167 -14.61 15.06 -35.06
CA GLU A 167 -13.74 16.19 -35.64
C GLU A 167 -12.40 16.58 -34.90
N THR A 168 -11.57 15.64 -35.03
CA THR A 168 -10.20 15.77 -34.36
C THR A 168 -9.06 14.86 -34.97
N ARG A 169 -7.90 15.32 -34.78
CA ARG A 169 -6.74 14.43 -35.25
C ARG A 169 -6.37 13.30 -34.20
N ASN A 170 -6.96 13.61 -33.03
CA ASN A 170 -6.81 12.56 -31.97
C ASN A 170 -7.46 11.15 -32.26
N PRO A 171 -6.88 10.26 -31.63
CA PRO A 171 -7.51 8.88 -31.84
C PRO A 171 -9.04 8.71 -31.50
N HIS A 172 -9.72 8.64 -32.57
CA HIS A 172 -11.21 8.44 -32.42
C HIS A 172 -11.78 7.15 -33.13
N MET A 173 -12.81 6.72 -32.58
CA MET A 173 -13.44 5.46 -33.11
C MET A 173 -14.91 5.57 -33.58
N TRP A 174 -15.12 4.98 -34.69
CA TRP A 174 -16.52 5.00 -35.29
C TRP A 174 -17.20 3.62 -35.47
N LEU A 175 -18.16 3.45 -34.65
CA LEU A 175 -18.92 2.15 -34.64
C LEU A 175 -20.42 2.25 -35.04
N VAL A 176 -20.69 1.52 -36.01
CA VAL A 176 -22.12 1.54 -36.52
C VAL A 176 -22.64 0.32 -37.33
N GLY A 177 -23.83 0.00 -37.00
CA GLY A 177 -24.47 -1.15 -37.72
C GLY A 177 -24.83 -2.41 -36.88
N ALA A 178 -25.86 -3.00 -37.40
CA ALA A 178 -26.29 -4.31 -36.70
C ALA A 178 -25.11 -5.35 -36.44
N GLY A 179 -25.08 -5.77 -35.24
CA GLY A 179 -23.98 -6.75 -34.87
C GLY A 179 -22.61 -6.07 -34.44
N ASN A 180 -22.51 -4.87 -34.90
CA ASN A 180 -21.29 -4.06 -34.46
C ASN A 180 -21.44 -3.25 -33.11
N THR A 181 -21.07 -3.97 -32.09
CA THR A 181 -21.37 -3.42 -30.72
C THR A 181 -20.31 -3.15 -29.63
N GLN A 182 -19.19 -3.65 -29.84
CA GLN A 182 -18.09 -3.39 -28.85
C GLN A 182 -16.74 -2.79 -29.39
N ILE A 183 -16.30 -1.93 -28.60
CA ILE A 183 -14.96 -1.31 -28.94
C ILE A 183 -13.82 -1.69 -27.96
N SER A 184 -12.85 -2.13 -28.55
CA SER A 184 -11.63 -2.60 -27.78
C SER A 184 -10.26 -1.96 -28.26
N PHE A 185 -9.53 -1.63 -27.38
CA PHE A 185 -8.15 -1.08 -27.68
C PHE A 185 -7.11 -0.78 -26.56
N VAL A 186 -5.97 -0.61 -26.98
CA VAL A 186 -4.91 -0.32 -25.96
C VAL A 186 -4.06 0.99 -26.11
N VAL A 187 -3.99 1.64 -25.02
CA VAL A 187 -3.17 2.91 -24.99
C VAL A 187 -1.86 2.86 -24.11
N PRO A 188 -0.96 3.58 -24.53
CA PRO A 188 0.39 3.63 -23.82
C PRO A 188 0.48 4.39 -22.45
N TYR A 189 1.35 3.93 -21.66
CA TYR A 189 1.56 4.81 -20.46
C TYR A 189 1.88 6.29 -21.00
N ASN A 190 0.88 7.07 -20.93
CA ASN A 190 1.07 8.46 -21.47
C ASN A 190 1.31 9.69 -20.53
N SER A 191 1.59 9.29 -19.33
CA SER A 191 1.85 10.38 -18.30
C SER A 191 3.27 11.08 -18.24
N PRO A 192 3.14 12.35 -18.00
CA PRO A 192 4.46 13.11 -17.80
C PRO A 192 5.39 12.59 -16.61
N LEU A 193 4.63 11.99 -15.72
CA LEU A 193 5.33 11.36 -14.55
C LEU A 193 6.07 10.00 -14.84
N SER A 194 7.08 9.84 -14.10
CA SER A 194 7.84 8.50 -14.26
C SER A 194 7.04 7.22 -13.78
N VAL A 195 6.41 7.45 -12.69
CA VAL A 195 5.46 6.40 -12.12
C VAL A 195 4.16 7.02 -11.45
N LEU A 196 3.22 6.24 -11.36
CA LEU A 196 1.93 6.73 -10.76
C LEU A 196 1.62 6.32 -9.29
N PRO A 197 1.02 7.26 -8.65
CA PRO A 197 0.59 6.88 -7.22
C PRO A 197 -0.63 5.86 -7.10
N ALA A 198 -0.28 4.74 -6.64
CA ALA A 198 -1.41 3.71 -6.50
C ALA A 198 -2.66 4.14 -5.62
N ALA A 199 -2.28 4.98 -4.73
CA ALA A 199 -3.34 5.54 -3.78
C ALA A 199 -3.32 7.07 -3.39
N TRP A 200 -2.21 7.35 -2.84
CA TRP A 200 -2.02 8.75 -2.33
C TRP A 200 -0.74 9.53 -2.71
N PHE A 201 -1.00 10.71 -2.99
CA PHE A 201 0.16 11.69 -3.28
C PHE A 201 0.42 12.87 -2.28
N ASN A 202 1.14 12.44 -1.25
CA ASN A 202 1.37 13.42 -0.13
C ASN A 202 1.97 14.84 -0.36
N GLY A 203 1.26 15.47 -1.24
CA GLY A 203 1.63 16.88 -1.63
C GLY A 203 0.49 17.69 -2.36
N TRP A 204 0.73 18.93 -2.40
CA TRP A 204 -0.23 19.85 -3.14
C TRP A 204 -0.11 19.77 -4.70
N SER A 205 -1.19 19.93 -5.31
CA SER A 205 -1.13 19.91 -6.85
C SER A 205 -0.79 21.28 -7.57
N ASP A 206 -0.83 22.25 -6.74
CA ASP A 206 -0.50 23.65 -7.26
C ASP A 206 0.73 24.33 -6.55
N PHE A 207 1.45 25.04 -7.38
CA PHE A 207 2.60 25.76 -6.66
C PHE A 207 2.33 26.64 -5.39
N GLY A 208 1.08 27.07 -5.45
CA GLY A 208 0.61 27.89 -4.26
C GLY A 208 0.21 27.00 -3.02
N ASN A 209 0.38 25.71 -3.32
CA ASN A 209 -0.02 24.74 -2.22
C ASN A 209 -1.38 24.99 -1.45
N THR A 210 -2.27 25.34 -2.24
CA THR A 210 -3.66 25.65 -1.66
C THR A 210 -4.79 24.66 -2.12
N LYS A 211 -4.32 23.88 -3.04
CA LYS A 211 -5.33 23.02 -3.72
C LYS A 211 -5.09 21.55 -4.09
N ASP A 212 -6.14 20.83 -3.87
CA ASP A 212 -6.12 19.37 -4.23
C ASP A 212 -5.04 18.42 -3.63
N PHE A 213 -4.68 18.79 -2.47
CA PHE A 213 -3.71 17.84 -1.73
C PHE A 213 -3.98 16.29 -1.66
N GLY A 214 -3.01 15.56 -2.01
CA GLY A 214 -3.16 14.04 -2.05
C GLY A 214 -3.31 13.48 -3.54
N VAL A 215 -3.55 14.44 -4.38
CA VAL A 215 -3.68 14.09 -5.84
C VAL A 215 -2.56 14.59 -6.83
N ALA A 216 -1.83 13.63 -7.25
CA ALA A 216 -0.76 13.98 -8.28
C ALA A 216 -1.29 14.38 -9.73
N PRO A 217 -0.78 15.38 -10.17
CA PRO A 217 -1.16 15.92 -11.54
C PRO A 217 -0.81 15.05 -12.81
N ASN A 218 -1.80 15.01 -13.64
CA ASN A 218 -1.63 14.08 -14.82
C ASN A 218 -1.35 12.57 -14.53
N ALA A 219 -1.74 12.34 -13.28
CA ALA A 219 -1.63 10.89 -12.81
C ALA A 219 -2.79 9.91 -13.33
N ASP A 220 -2.94 10.05 -14.59
CA ASP A 220 -3.98 9.19 -15.29
C ASP A 220 -3.66 8.81 -16.79
N PHE A 221 -4.46 7.95 -17.24
CA PHE A 221 -4.27 7.57 -18.71
C PHE A 221 -5.05 8.25 -19.89
N GLY A 222 -5.47 9.42 -19.46
CA GLY A 222 -6.27 10.27 -20.45
C GLY A 222 -7.83 10.06 -20.31
N ARG A 223 -8.46 10.47 -21.36
CA ARG A 223 -9.92 10.24 -21.29
C ARG A 223 -10.81 9.99 -22.53
N LEU A 224 -11.95 9.54 -22.09
CA LEU A 224 -12.97 9.21 -23.12
C LEU A 224 -14.26 10.08 -23.18
N TRP A 225 -14.53 10.41 -24.34
CA TRP A 225 -15.81 11.14 -24.64
C TRP A 225 -16.73 10.32 -25.62
N ILE A 226 -17.92 10.28 -25.30
CA ILE A 226 -18.86 9.54 -26.21
C ILE A 226 -20.09 10.35 -26.76
N GLN A 227 -20.53 9.86 -27.76
CA GLN A 227 -21.70 10.51 -28.52
C GLN A 227 -22.44 9.45 -29.45
N GLY A 228 -23.63 9.62 -29.59
CA GLY A 228 -24.41 8.61 -30.42
C GLY A 228 -25.63 7.98 -29.65
N ASN A 229 -26.09 6.95 -30.22
CA ASN A 229 -27.29 6.29 -29.59
C ASN A 229 -27.19 5.14 -28.54
N THR A 230 -25.98 4.96 -28.17
CA THR A 230 -25.74 3.81 -27.22
C THR A 230 -24.85 3.95 -25.96
N SER A 231 -25.48 3.54 -24.92
CA SER A 231 -24.70 3.51 -23.62
C SER A 231 -23.75 2.24 -23.46
N ALA A 232 -22.70 2.49 -22.85
CA ALA A 232 -21.74 1.34 -22.68
C ALA A 232 -20.94 1.13 -21.36
N SER A 233 -20.86 -0.12 -21.09
CA SER A 233 -20.00 -0.47 -19.87
C SER A 233 -18.45 -0.36 -20.18
N VAL A 234 -17.83 0.36 -19.37
CA VAL A 234 -16.36 0.54 -19.62
C VAL A 234 -15.33 -0.17 -18.68
N ARG A 235 -14.67 -1.14 -19.30
CA ARG A 235 -13.60 -1.78 -18.48
C ARG A 235 -12.09 -1.57 -18.89
N ILE A 236 -11.34 -1.55 -17.83
CA ILE A 236 -9.86 -1.42 -18.06
C ILE A 236 -9.01 -2.69 -17.69
N ARG A 237 -7.91 -2.72 -18.28
CA ARG A 237 -6.95 -3.90 -18.07
C ARG A 237 -5.42 -3.53 -17.96
N TYR A 238 -4.88 -3.82 -16.82
CA TYR A 238 -3.43 -3.48 -16.64
C TYR A 238 -2.39 -4.28 -17.49
N LYS A 239 -1.95 -3.57 -18.49
CA LYS A 239 -0.91 -4.20 -19.39
C LYS A 239 0.58 -3.97 -18.99
N LYS A 240 1.21 -5.09 -18.96
CA LYS A 240 2.67 -5.08 -18.48
C LYS A 240 2.94 -4.13 -17.28
N MET A 241 2.15 -4.48 -16.34
CA MET A 241 2.16 -3.77 -15.01
C MET A 241 3.45 -3.90 -14.16
N LYS A 242 3.77 -2.82 -13.60
CA LYS A 242 4.89 -2.84 -12.62
C LYS A 242 4.67 -2.00 -11.33
N VAL A 243 4.97 -2.67 -10.33
CA VAL A 243 4.79 -2.00 -8.99
C VAL A 243 6.01 -1.77 -8.08
N PHE A 244 5.88 -0.74 -7.37
CA PHE A 244 6.98 -0.37 -6.38
C PHE A 244 6.71 0.09 -4.90
N CYS A 245 7.71 -0.12 -4.15
CA CYS A 245 7.58 0.26 -2.68
C CYS A 245 6.23 -0.19 -1.96
N PRO A 246 6.30 -1.43 -1.60
CA PRO A 246 5.11 -2.05 -0.86
C PRO A 246 4.45 -1.25 0.33
N ARG A 247 3.23 -1.37 0.33
CA ARG A 247 2.43 -0.65 1.42
C ARG A 247 1.06 -1.33 1.82
N PRO A 248 0.59 -0.89 2.88
CA PRO A 248 -0.70 -1.56 3.36
C PRO A 248 -1.99 -1.48 2.46
N THR A 249 -2.64 -2.58 2.50
CA THR A 249 -3.94 -2.65 1.71
C THR A 249 -5.21 -2.10 2.48
N LEU A 250 -6.18 -1.86 1.71
CA LEU A 250 -7.44 -1.35 2.35
C LEU A 250 -7.95 -2.20 3.58
N PHE A 251 -8.12 -1.47 4.61
CA PHE A 251 -8.70 -2.20 5.83
C PHE A 251 -9.99 -3.08 5.72
N PHE A 252 -9.89 -4.11 6.31
CA PHE A 252 -11.11 -5.05 6.39
C PHE A 252 -11.85 -5.20 7.76
N PRO A 253 -13.04 -4.95 7.72
CA PRO A 253 -13.85 -4.92 9.02
C PRO A 253 -13.81 -6.15 9.99
N TRP A 254 -13.35 -5.87 11.17
CA TRP A 254 -13.37 -7.01 12.13
C TRP A 254 -14.82 -7.53 12.53
N PRO A 255 -15.02 -8.70 12.31
CA PRO A 255 -16.30 -9.41 12.76
C PRO A 255 -16.92 -9.02 14.18
N VAL A 256 -18.01 -8.41 14.14
CA VAL A 256 -18.72 -7.92 15.41
C VAL A 256 -18.51 -8.62 16.80
N ASP B 12 29.40 -5.97 20.04
CA ASP B 12 28.99 -5.66 18.57
C ASP B 12 27.58 -4.95 18.52
N ARG B 13 27.17 -4.81 19.77
CA ARG B 13 25.87 -3.99 20.00
C ARG B 13 26.21 -2.49 20.35
N VAL B 14 27.55 -2.43 20.37
CA VAL B 14 28.15 -1.04 20.51
C VAL B 14 28.62 -0.42 19.13
N ALA B 15 27.97 0.59 18.79
CA ALA B 15 28.28 1.25 17.47
C ALA B 15 28.27 2.83 17.34
N SER B 16 29.10 3.22 16.49
CA SER B 16 29.18 4.72 16.20
C SER B 16 29.10 5.11 14.66
N ASP B 17 28.47 6.12 14.45
CA ASP B 17 28.31 6.62 13.01
C ASP B 17 28.66 8.14 12.83
N LYS B 18 29.61 8.31 12.02
CA LYS B 18 29.99 9.75 11.80
C LYS B 18 29.52 10.38 10.45
N ALA B 19 29.25 11.55 10.58
CA ALA B 19 28.78 12.39 9.38
C ALA B 19 29.18 13.91 9.45
N GLY B 20 30.17 14.15 8.65
CA GLY B 20 30.76 15.55 8.76
C GLY B 20 31.22 15.82 10.26
N ASN B 21 30.84 16.93 10.71
CA ASN B 21 31.18 17.23 12.16
C ASN B 21 30.21 16.70 13.28
N SER B 22 29.53 15.69 12.82
CA SER B 22 28.55 15.00 13.75
C SER B 22 28.74 13.43 13.91
N ALA B 23 28.38 13.04 15.02
CA ALA B 23 28.48 11.55 15.31
C ALA B 23 27.48 10.90 16.34
N THR B 24 26.73 10.05 15.76
CA THR B 24 25.83 9.25 16.69
C THR B 24 26.59 8.05 17.40
N ASN B 25 26.05 7.65 18.38
CA ASN B 25 26.65 6.51 19.18
C ASN B 25 25.70 5.65 20.08
N THR B 26 25.84 4.43 19.96
CA THR B 26 24.93 3.51 20.77
C THR B 26 25.54 2.18 21.33
N GLN B 27 25.11 1.89 22.49
CA GLN B 27 25.62 0.60 23.13
C GLN B 27 24.65 -0.63 23.12
N SER B 28 23.60 -0.38 22.45
CA SER B 28 22.54 -1.47 22.33
C SER B 28 21.85 -1.68 20.93
N THR B 29 22.66 -1.33 19.97
CA THR B 29 22.12 -1.50 18.57
C THR B 29 21.72 -2.96 18.11
N VAL B 30 20.80 -2.94 17.25
CA VAL B 30 20.41 -4.25 16.60
C VAL B 30 20.57 -4.26 15.02
N GLY B 31 21.47 -3.36 14.71
CA GLY B 31 21.80 -3.21 13.25
C GLY B 31 21.04 -2.07 12.48
N ARG B 32 21.55 -1.89 11.33
CA ARG B 32 20.89 -0.86 10.45
C ARG B 32 20.03 -1.44 9.26
N LEU B 33 18.79 -1.27 9.50
CA LEU B 33 17.84 -1.74 8.43
C LEU B 33 17.81 -0.79 7.19
N CYS B 34 18.27 -1.33 6.17
CA CYS B 34 18.31 -0.50 4.89
C CYS B 34 17.15 -0.79 3.85
N GLY B 35 16.21 0.07 3.93
CA GLY B 35 14.99 -0.09 3.03
C GLY B 35 15.23 -0.35 1.51
N TYR B 36 14.29 -1.13 1.01
CA TYR B 36 14.43 -1.47 -0.46
C TYR B 36 15.86 -2.00 -0.84
N GLY B 37 16.47 -2.43 0.25
CA GLY B 37 17.87 -2.98 0.10
C GLY B 37 18.88 -2.11 -0.71
N GLU B 38 18.71 -0.86 -0.53
CA GLU B 38 19.65 0.11 -1.23
C GLU B 38 19.65 1.64 -0.90
N ALA B 39 20.74 2.23 -1.18
CA ALA B 39 20.86 3.70 -0.80
C ALA B 39 21.05 4.84 -1.86
N HIS B 40 20.60 5.99 -1.39
CA HIS B 40 20.80 7.18 -2.31
C HIS B 40 22.31 7.45 -2.70
N HIS B 41 22.52 7.24 -3.91
CA HIS B 41 23.94 7.42 -4.43
C HIS B 41 24.36 8.85 -4.89
N GLY B 42 23.37 9.65 -4.80
CA GLY B 42 23.62 11.09 -5.17
C GLY B 42 23.73 11.41 -6.70
N GLU B 43 23.19 10.46 -7.46
CA GLU B 43 23.17 10.80 -8.92
C GLU B 43 22.35 12.11 -9.37
N HIS B 44 22.92 12.72 -10.26
CA HIS B 44 22.14 13.92 -10.80
C HIS B 44 20.88 13.51 -11.66
N PRO B 45 19.89 14.27 -11.48
CA PRO B 45 18.61 13.93 -12.26
C PRO B 45 18.59 14.14 -13.82
N ALA B 46 18.40 13.05 -14.47
CA ALA B 46 18.36 13.18 -16.01
C ALA B 46 17.32 14.23 -16.61
N SER B 47 16.49 14.60 -15.68
CA SER B 47 15.41 15.63 -16.06
C SER B 47 15.80 17.16 -15.97
N CYS B 48 16.95 17.30 -15.43
CA CYS B 48 17.51 18.72 -15.28
C CYS B 48 18.80 19.03 -16.13
N ALA B 49 18.69 20.08 -16.83
CA ALA B 49 19.91 20.46 -17.69
C ALA B 49 21.14 21.11 -16.96
N ASP B 50 20.74 21.81 -15.95
CA ASP B 50 21.80 22.52 -15.13
C ASP B 50 22.67 21.62 -14.17
N THR B 51 23.93 21.89 -14.31
CA THR B 51 24.81 21.08 -13.37
C THR B 51 24.43 21.24 -11.84
N ALA B 52 24.08 20.13 -11.34
CA ALA B 52 23.64 20.16 -9.89
C ALA B 52 24.66 20.58 -8.75
N THR B 53 24.06 21.18 -7.80
CA THR B 53 24.91 21.45 -6.57
C THR B 53 24.86 20.20 -5.58
N ASP B 54 25.96 19.71 -5.34
CA ASP B 54 26.01 18.49 -4.44
C ASP B 54 27.27 18.35 -3.53
N LYS B 55 27.22 17.31 -2.78
CA LYS B 55 28.40 17.11 -1.85
C LYS B 55 28.77 18.30 -0.93
N VAL B 56 27.78 18.77 -0.37
CA VAL B 56 28.03 19.88 0.64
C VAL B 56 28.21 19.36 2.10
N LEU B 57 29.49 19.10 2.34
CA LEU B 57 29.79 18.54 3.71
C LEU B 57 28.92 19.16 4.87
N ALA B 58 29.00 20.47 4.84
CA ALA B 58 28.15 21.22 5.89
C ALA B 58 26.62 20.80 6.01
N ALA B 59 26.20 20.36 4.86
CA ALA B 59 24.75 19.85 4.79
C ALA B 59 24.50 18.30 4.99
N GLU B 60 25.64 17.67 4.90
CA GLU B 60 25.57 16.15 5.09
C GLU B 60 26.03 15.50 6.42
N ARG B 61 25.17 15.79 7.29
CA ARG B 61 25.38 15.33 8.73
C ARG B 61 24.04 14.95 9.47
N TYR B 62 24.22 14.59 10.65
CA TYR B 62 23.02 14.30 11.48
C TYR B 62 22.40 15.58 12.21
N TYR B 63 21.24 15.86 11.85
CA TYR B 63 20.52 16.93 12.63
C TYR B 63 19.66 16.25 13.79
N THR B 64 20.16 16.42 14.93
CA THR B 64 19.45 15.76 16.11
C THR B 64 18.37 16.62 16.86
N ILE B 65 17.23 16.10 16.79
CA ILE B 65 16.07 16.83 17.42
C ILE B 65 15.08 16.00 18.31
N ASP B 66 14.28 16.76 18.90
CA ASP B 66 13.20 16.14 19.78
C ASP B 66 11.96 15.56 19.02
N LEU B 67 11.64 14.39 19.39
CA LEU B 67 10.41 13.81 18.74
C LEU B 67 9.13 13.85 19.62
N ALA B 68 9.29 13.18 20.69
CA ALA B 68 8.12 13.12 21.65
C ALA B 68 8.31 12.52 23.10
N SER B 69 7.34 12.84 23.83
CA SER B 69 7.30 12.27 25.24
C SER B 69 6.34 11.01 25.38
N TRP B 70 6.96 9.97 25.58
CA TRP B 70 6.15 8.69 25.73
C TRP B 70 5.60 8.41 27.15
N THR B 71 4.35 8.32 27.18
CA THR B 71 3.68 8.07 28.52
C THR B 71 2.74 6.80 28.62
N THR B 72 2.52 6.48 29.82
CA THR B 72 1.61 5.26 30.03
C THR B 72 0.18 5.37 29.38
N THR B 73 -0.13 6.61 29.21
CA THR B 73 -1.46 6.95 28.54
C THR B 73 -1.65 6.52 27.04
N GLN B 74 -0.53 6.72 26.36
CA GLN B 74 -0.59 6.30 24.90
C GLN B 74 -0.91 4.75 24.64
N GLU B 75 -1.78 4.59 23.79
CA GLU B 75 -2.15 3.16 23.44
C GLU B 75 -1.64 2.50 22.08
N ALA B 76 -1.84 1.21 22.09
CA ALA B 76 -1.44 0.53 20.78
C ALA B 76 -1.75 1.37 19.46
N PHE B 77 -0.81 1.40 18.68
CA PHE B 77 -0.93 2.25 17.41
C PHE B 77 -1.11 3.80 17.38
N SER B 78 -1.04 4.29 18.63
CA SER B 78 -0.93 5.81 18.70
C SER B 78 0.47 6.24 17.99
N HIS B 79 0.42 7.25 17.33
CA HIS B 79 1.70 7.62 16.61
C HIS B 79 1.99 9.11 16.28
N ILE B 80 3.21 9.25 15.92
CA ILE B 80 3.64 10.61 15.43
C ILE B 80 4.32 10.58 14.01
N ARG B 81 3.86 11.47 13.26
CA ARG B 81 4.42 11.57 11.86
C ARG B 81 5.42 12.76 11.57
N ILE B 82 6.53 12.36 11.10
CA ILE B 82 7.58 13.40 10.74
C ILE B 82 7.89 13.51 9.19
N PRO B 83 7.42 14.54 8.66
CA PRO B 83 7.61 14.76 7.15
C PRO B 83 9.02 15.25 6.62
N LEU B 84 9.36 14.70 5.53
CA LEU B 84 10.69 15.10 4.88
C LEU B 84 10.61 15.55 3.38
N PRO B 85 11.39 16.47 3.02
CA PRO B 85 12.47 17.07 3.94
C PRO B 85 11.94 18.10 4.98
N HIS B 86 10.75 18.47 4.59
CA HIS B 86 10.09 19.58 5.37
C HIS B 86 10.53 19.87 6.82
N VAL B 87 10.46 18.89 7.62
CA VAL B 87 10.93 19.10 9.06
C VAL B 87 12.38 19.70 9.27
N LEU B 88 13.13 19.51 8.25
CA LEU B 88 14.53 20.08 8.24
C LEU B 88 14.77 21.26 7.23
N ALA B 89 13.64 21.62 6.68
CA ALA B 89 13.68 22.78 5.66
C ALA B 89 13.92 24.23 6.25
N GLY B 90 13.63 24.24 7.50
CA GLY B 90 13.82 25.53 8.25
C GLY B 90 15.14 25.58 9.11
N GLU B 91 15.02 26.36 10.10
CA GLU B 91 16.22 26.50 11.00
C GLU B 91 17.06 25.27 11.51
N ASP B 92 16.31 24.36 12.00
CA ASP B 92 17.01 23.08 12.48
C ASP B 92 17.87 22.34 11.36
N GLY B 93 17.49 22.68 10.16
CA GLY B 93 18.21 22.05 8.98
C GLY B 93 19.61 22.69 8.63
N GLY B 94 19.92 23.65 9.47
CA GLY B 94 21.24 24.38 9.25
C GLY B 94 21.58 24.64 7.73
N VAL B 95 22.82 24.32 7.43
CA VAL B 95 23.21 24.52 5.97
C VAL B 95 22.36 23.74 4.89
N PHE B 96 22.06 22.55 5.36
CA PHE B 96 21.10 21.77 4.43
C PHE B 96 19.71 22.43 4.06
N GLY B 97 19.11 22.81 5.18
CA GLY B 97 17.80 23.59 5.02
C GLY B 97 18.01 24.95 4.23
N ALA B 98 19.07 25.58 4.68
CA ALA B 98 19.46 26.88 3.97
C ALA B 98 19.68 26.80 2.39
N THR B 99 20.35 25.71 2.11
CA THR B 99 20.57 25.42 0.62
C THR B 99 19.26 24.93 -0.14
N LEU B 100 18.63 24.08 0.66
CA LEU B 100 17.28 23.56 0.15
C LEU B 100 16.25 24.68 -0.19
N ARG B 101 16.22 25.60 0.76
CA ARG B 101 15.29 26.79 0.53
C ARG B 101 15.55 27.67 -0.76
N ARG B 102 16.75 27.51 -1.18
CA ARG B 102 17.15 28.29 -2.45
C ARG B 102 17.19 27.52 -3.81
N HIS B 103 16.65 26.38 -3.71
CA HIS B 103 16.56 25.51 -4.96
C HIS B 103 15.12 24.95 -5.29
N TYR B 104 14.82 25.05 -6.51
CA TYR B 104 13.49 24.47 -6.98
C TYR B 104 13.32 22.94 -6.66
N LEU B 105 14.41 22.31 -6.99
CA LEU B 105 14.45 20.82 -6.82
C LEU B 105 15.49 20.17 -5.91
N CYS B 106 14.99 19.22 -5.23
CA CYS B 106 15.89 18.41 -4.35
C CYS B 106 15.65 16.85 -4.40
N LYS B 107 16.69 16.25 -4.45
CA LYS B 107 16.62 14.73 -4.49
C LYS B 107 17.60 14.07 -3.49
N THR B 108 16.98 13.41 -2.62
CA THR B 108 17.79 12.81 -1.50
C THR B 108 17.25 11.52 -0.81
N GLY B 109 18.15 10.95 -0.16
CA GLY B 109 17.77 9.75 0.69
C GLY B 109 17.85 10.15 2.23
N TRP B 110 17.46 9.29 3.00
CA TRP B 110 17.55 9.55 4.46
C TRP B 110 18.17 8.44 5.35
N ARG B 111 18.97 8.89 6.18
CA ARG B 111 19.55 7.96 7.20
C ARG B 111 19.21 8.41 8.69
N VAL B 112 18.46 7.61 9.24
CA VAL B 112 17.95 7.97 10.60
C VAL B 112 18.20 7.05 11.82
N GLN B 113 18.46 7.74 12.85
CA GLN B 113 18.55 7.00 14.16
C GLN B 113 17.54 7.53 15.26
N VAL B 114 16.63 6.68 15.51
CA VAL B 114 15.66 7.06 16.61
C VAL B 114 16.08 6.56 18.06
N GLN B 115 16.16 7.50 18.88
CA GLN B 115 16.62 7.18 20.30
C GLN B 115 15.54 7.20 21.44
N CYS B 116 15.67 6.25 22.22
CA CYS B 116 14.72 6.15 23.40
C CYS B 116 15.05 5.06 24.48
N ASN B 117 15.50 5.61 25.52
CA ASN B 117 15.83 4.70 26.66
C ASN B 117 14.93 4.67 27.95
N ALA B 118 14.95 3.59 28.50
CA ALA B 118 14.18 3.37 29.80
C ALA B 118 14.95 2.53 30.91
N SER B 119 14.52 1.38 31.06
CA SER B 119 15.21 0.44 32.05
C SER B 119 14.75 -1.08 32.01
N GLN B 120 15.54 -1.85 32.62
CA GLN B 120 15.17 -3.35 32.66
C GLN B 120 13.87 -3.70 33.44
N PHE B 121 13.55 -2.67 34.14
CA PHE B 121 12.20 -2.77 34.87
C PHE B 121 10.92 -2.11 34.25
N HIS B 122 11.30 -1.51 33.10
CA HIS B 122 10.20 -0.92 32.26
C HIS B 122 9.68 -1.89 31.09
N ALA B 123 8.48 -1.72 30.87
CA ALA B 123 7.87 -2.51 29.71
C ALA B 123 7.19 -1.64 28.55
N GLY B 124 7.27 -2.18 27.44
CA GLY B 124 6.69 -1.45 26.26
C GLY B 124 7.53 -1.58 24.94
N SER B 125 6.91 -1.17 23.95
CA SER B 125 7.59 -1.27 22.59
C SER B 125 7.08 -0.31 21.46
N LEU B 126 8.01 0.09 20.71
CA LEU B 126 7.65 1.00 19.57
C LEU B 126 7.91 0.46 18.13
N LEU B 127 7.04 0.85 17.31
CA LEU B 127 7.29 0.57 15.87
C LEU B 127 7.87 1.85 15.12
N VAL B 128 9.10 1.75 14.90
CA VAL B 128 9.73 2.89 14.13
C VAL B 128 9.96 2.60 12.60
N PHE B 129 9.25 3.34 11.89
CA PHE B 129 9.38 3.16 10.39
C PHE B 129 9.29 4.29 9.32
N MET B 130 9.71 3.90 8.20
CA MET B 130 9.65 4.91 7.09
C MET B 130 8.82 4.53 5.86
N ALA B 131 7.95 5.42 5.62
CA ALA B 131 7.04 5.20 4.44
C ALA B 131 6.91 6.31 3.34
N PRO B 132 6.95 5.81 2.19
CA PRO B 132 6.74 6.78 1.01
C PRO B 132 5.25 7.29 0.80
N GLU B 133 5.12 8.45 0.44
CA GLU B 133 3.69 8.95 0.28
C GLU B 133 2.61 8.69 1.42
N PHE B 134 3.17 8.67 2.56
CA PHE B 134 2.28 8.56 3.83
C PHE B 134 1.51 9.84 4.38
N TYR B 135 0.26 9.74 4.46
CA TYR B 135 -0.53 10.93 4.92
C TYR B 135 -0.04 11.69 6.21
N THR B 136 0.28 12.88 5.98
CA THR B 136 0.75 13.75 7.16
C THR B 136 -0.18 14.96 7.55
N GLY B 137 -1.28 14.93 6.84
CA GLY B 137 -2.32 16.01 7.12
C GLY B 137 -2.82 15.99 8.63
N LYS B 138 -2.95 17.14 9.11
CA LYS B 138 -3.43 17.26 10.56
C LYS B 138 -4.96 17.30 10.78
N GLY B 139 -5.53 18.15 9.99
CA GLY B 139 -7.04 18.27 10.06
C GLY B 139 -7.71 18.88 8.77
N THR B 140 -9.00 18.85 8.85
CA THR B 140 -9.72 19.49 7.68
C THR B 140 -9.88 21.07 7.76
N LYS B 141 -9.26 21.66 6.80
CA LYS B 141 -9.39 23.15 6.80
C LYS B 141 -10.87 23.71 6.56
N THR B 142 -11.42 24.14 7.64
CA THR B 142 -12.84 24.75 7.53
C THR B 142 -13.04 25.80 6.34
N GLY B 143 -13.68 25.36 5.33
CA GLY B 143 -13.87 26.27 4.14
C GLY B 143 -13.42 25.70 2.73
N ASP B 144 -12.15 25.44 2.65
CA ASP B 144 -11.62 24.89 1.33
C ASP B 144 -11.84 23.38 0.95
N MET B 145 -12.11 22.65 1.97
CA MET B 145 -12.23 21.15 1.66
C MET B 145 -10.83 20.53 1.29
N GLU B 146 -9.96 20.91 2.09
CA GLU B 146 -8.51 20.42 2.04
C GLU B 146 -7.83 20.20 3.48
N PRO B 147 -6.81 19.58 3.45
CA PRO B 147 -6.12 19.33 4.80
C PRO B 147 -5.42 20.56 5.51
N THR B 148 -5.01 20.33 6.62
CA THR B 148 -4.20 21.42 7.31
C THR B 148 -2.77 20.99 7.78
N ASP B 149 -1.87 21.84 7.54
CA ASP B 149 -0.43 21.53 7.94
C ASP B 149 0.18 20.16 7.53
N PRO B 150 -0.14 19.85 6.34
CA PRO B 150 0.47 18.54 5.83
C PRO B 150 2.01 18.31 6.15
N PHE B 151 2.63 19.45 5.82
CA PHE B 151 4.14 19.45 6.05
C PHE B 151 4.86 19.78 7.37
N THR B 152 4.04 19.69 8.31
CA THR B 152 4.51 19.93 9.75
C THR B 152 4.53 18.62 10.62
N MET B 153 5.49 18.54 11.43
CA MET B 153 5.56 17.30 12.29
C MET B 153 4.50 17.27 13.45
N ASP B 154 3.95 16.12 13.59
CA ASP B 154 2.97 15.99 14.75
C ASP B 154 3.57 16.44 16.15
N THR B 155 2.89 17.33 16.72
CA THR B 155 3.37 17.83 18.09
C THR B 155 2.67 17.15 19.34
N THR B 156 1.84 16.30 18.94
CA THR B 156 1.09 15.43 19.96
C THR B 156 0.68 14.01 19.38
N TRP B 157 0.83 13.08 20.23
CA TRP B 157 0.47 11.72 19.72
C TRP B 157 -0.90 11.63 18.96
N ARG B 158 -0.81 10.90 17.95
CA ARG B 158 -2.09 10.69 17.15
C ARG B 158 -2.84 9.34 17.40
N ALA B 159 -4.04 9.56 17.78
CA ALA B 159 -4.87 8.31 18.02
C ALA B 159 -5.19 7.43 16.73
N PRO B 160 -5.03 6.22 16.93
CA PRO B 160 -5.37 5.30 15.74
C PRO B 160 -6.88 5.30 15.27
N GLN B 161 -7.09 5.00 14.14
CA GLN B 161 -8.55 4.82 13.73
C GLN B 161 -9.04 3.32 13.98
N GLY B 162 -10.04 3.23 14.76
CA GLY B 162 -10.58 1.80 15.01
C GLY B 162 -10.80 1.05 13.62
N ALA B 163 -11.33 1.87 12.80
CA ALA B 163 -11.49 1.45 11.32
C ALA B 163 -10.69 2.43 10.35
N PRO B 164 -9.46 2.04 10.25
CA PRO B 164 -8.57 2.97 9.41
C PRO B 164 -9.04 3.33 7.95
N THR B 165 -10.09 4.03 7.92
CA THR B 165 -10.63 4.41 6.53
C THR B 165 -10.17 5.80 5.95
N GLY B 166 -9.27 6.36 6.70
CA GLY B 166 -8.72 7.70 6.27
C GLY B 166 -9.58 8.98 6.62
N TYR B 167 -9.22 10.01 5.95
CA TYR B 167 -9.93 11.31 6.18
C TYR B 167 -10.50 12.08 4.94
N ARG B 168 -11.75 12.12 4.95
CA ARG B 168 -12.47 12.96 3.88
C ARG B 168 -12.51 14.53 4.28
N TYR B 169 -12.52 15.33 3.34
CA TYR B 169 -12.65 16.81 3.63
C TYR B 169 -14.07 17.44 3.34
N ASP B 170 -14.80 16.59 2.65
CA ASP B 170 -16.22 17.07 2.31
C ASP B 170 -17.22 17.07 3.52
N SER B 171 -16.58 16.90 4.64
CA SER B 171 -17.43 16.88 5.90
C SER B 171 -18.53 15.77 6.03
N ARG B 172 -18.43 14.93 5.10
CA ARG B 172 -19.34 13.71 5.17
C ARG B 172 -18.56 12.40 5.62
N THR B 173 -19.30 11.46 5.84
CA THR B 173 -18.64 10.12 6.13
C THR B 173 -19.16 8.96 5.18
N GLY B 174 -18.50 7.95 5.24
CA GLY B 174 -18.90 6.80 4.31
C GLY B 174 -17.70 6.26 3.47
N PHE B 175 -17.83 5.00 3.27
CA PHE B 175 -16.62 4.37 2.55
C PHE B 175 -15.16 4.74 2.98
N PHE B 176 -14.49 5.26 2.13
CA PHE B 176 -13.07 5.72 2.47
C PHE B 176 -12.22 6.70 1.60
N ALA B 177 -11.27 7.22 2.22
CA ALA B 177 -10.36 8.17 1.46
C ALA B 177 -8.94 7.61 1.00
N MET B 178 -8.51 8.16 -0.05
CA MET B 178 -7.17 7.66 -0.57
C MET B 178 -5.97 7.84 0.39
N ASN B 179 -6.24 8.72 1.34
CA ASN B 179 -5.18 8.86 2.41
C ASN B 179 -5.23 7.83 3.62
N HIS B 180 -6.03 6.82 3.28
CA HIS B 180 -6.16 5.74 4.32
C HIS B 180 -4.86 4.91 4.63
N GLN B 181 -4.70 4.79 5.87
CA GLN B 181 -3.50 3.99 6.34
C GLN B 181 -3.78 2.89 7.44
N ASN B 182 -3.84 1.74 6.90
CA ASN B 182 -4.13 0.53 7.78
C ASN B 182 -3.01 -0.07 8.70
N GLN B 183 -2.95 0.56 9.83
CA GLN B 183 -1.87 0.16 10.83
C GLN B 183 -1.59 -1.36 11.11
N TRP B 184 -2.66 -2.10 11.00
CA TRP B 184 -2.44 -3.61 11.20
C TRP B 184 -1.32 -4.22 10.30
N GLN B 185 -1.10 -3.45 9.26
CA GLN B 185 0.00 -3.87 8.28
C GLN B 185 1.29 -2.95 8.18
N TRP B 186 1.33 -2.07 9.11
CA TRP B 186 2.51 -1.11 9.10
C TRP B 186 3.94 -1.71 9.02
N THR B 187 4.01 -2.90 9.50
CA THR B 187 5.36 -3.62 9.42
C THR B 187 5.86 -4.03 7.98
N VAL B 188 4.91 -3.78 7.05
CA VAL B 188 5.38 -4.02 5.61
C VAL B 188 6.36 -2.89 5.06
N TYR B 189 6.25 -1.80 5.80
CA TYR B 189 7.21 -0.70 5.47
C TYR B 189 8.66 -0.96 6.10
N PRO B 190 9.58 -0.45 5.39
CA PRO B 190 10.96 -0.58 6.04
C PRO B 190 11.03 -0.06 7.56
N HIS B 191 11.32 -0.95 8.34
CA HIS B 191 11.30 -0.61 9.80
C HIS B 191 12.15 -1.46 10.78
N GLN B 192 12.07 -1.01 11.91
CA GLN B 192 12.68 -1.74 13.08
C GLN B 192 11.79 -1.58 14.40
N ILE B 193 11.92 -2.47 15.20
CA ILE B 193 11.17 -2.34 16.50
C ILE B 193 12.05 -1.94 17.73
N LEU B 194 11.61 -0.92 18.31
CA LEU B 194 12.32 -0.46 19.56
C LEU B 194 11.70 -1.03 20.88
N ASN B 195 12.27 -2.10 21.24
CA ASN B 195 11.77 -2.81 22.48
C ASN B 195 12.53 -2.59 23.84
N LEU B 196 11.84 -1.88 24.68
CA LEU B 196 12.53 -1.50 25.96
C LEU B 196 13.49 -2.52 26.63
N ARG B 197 13.10 -3.74 26.53
CA ARG B 197 14.03 -4.82 27.11
C ARG B 197 15.28 -5.22 26.22
N THR B 198 15.14 -4.84 25.00
CA THR B 198 16.26 -5.19 24.02
C THR B 198 17.26 -4.05 23.58
N ASN B 199 16.66 -3.02 23.15
CA ASN B 199 17.48 -1.84 22.64
C ASN B 199 17.01 -0.34 22.83
N THR B 200 17.98 0.48 23.01
CA THR B 200 17.61 1.97 23.18
C THR B 200 17.62 2.84 21.87
N THR B 201 17.97 2.13 20.87
CA THR B 201 18.01 2.78 19.52
C THR B 201 17.63 1.89 18.27
N VAL B 202 17.20 2.57 17.34
CA VAL B 202 16.94 1.90 16.01
C VAL B 202 17.65 2.67 14.81
N ASP B 203 18.11 1.93 13.98
CA ASP B 203 18.81 2.56 12.79
C ASP B 203 18.21 2.19 11.39
N LEU B 204 17.76 3.21 10.83
CA LEU B 204 17.14 3.03 9.49
C LEU B 204 17.75 3.86 8.32
N GLU B 205 17.54 3.32 7.25
CA GLU B 205 17.94 4.04 6.00
C GLU B 205 17.11 3.82 4.67
N VAL B 206 16.83 4.92 4.11
CA VAL B 206 16.06 4.80 2.81
C VAL B 206 16.59 5.56 1.55
N PRO B 207 16.38 4.89 0.50
CA PRO B 207 16.80 5.51 -0.84
C PRO B 207 15.93 6.73 -1.33
N TYR B 208 16.17 7.16 -2.45
CA TYR B 208 15.24 8.16 -3.02
C TYR B 208 14.09 7.52 -3.91
N VAL B 209 12.95 7.70 -3.46
CA VAL B 209 11.79 7.28 -4.31
C VAL B 209 10.72 8.41 -4.56
N ASN B 210 10.11 8.27 -5.59
CA ASN B 210 9.12 9.34 -6.00
C ASN B 210 8.43 9.25 -7.40
N ILE B 211 7.40 9.95 -7.51
CA ILE B 211 6.71 9.92 -8.88
C ILE B 211 7.56 10.54 -10.05
N ALA B 212 8.62 11.15 -9.60
CA ALA B 212 9.58 11.78 -10.61
C ALA B 212 11.15 11.74 -10.33
N PRO B 213 11.84 11.76 -11.43
CA PRO B 213 13.38 11.75 -11.25
C PRO B 213 14.01 12.64 -10.11
N THR B 214 13.44 13.72 -9.94
CA THR B 214 13.80 14.63 -8.75
C THR B 214 12.53 15.37 -8.15
N SER B 215 12.70 16.00 -7.09
CA SER B 215 11.48 16.62 -6.46
C SER B 215 11.25 18.16 -6.27
N SER B 216 10.03 18.50 -6.62
CA SER B 216 9.59 19.94 -6.29
C SER B 216 9.18 20.04 -4.73
N TRP B 217 10.24 19.77 -4.00
CA TRP B 217 10.06 19.70 -2.49
C TRP B 217 9.11 20.73 -1.82
N THR B 218 9.32 21.89 -2.28
CA THR B 218 8.40 23.03 -1.81
C THR B 218 6.88 22.65 -1.61
N GLN B 219 6.56 21.69 -2.44
CA GLN B 219 5.11 21.23 -2.39
C GLN B 219 4.80 19.69 -2.26
N HIS B 220 5.75 19.03 -1.81
CA HIS B 220 5.61 17.53 -1.63
C HIS B 220 6.51 16.85 -0.54
N ALA B 221 5.84 16.35 0.38
CA ALA B 221 6.63 15.52 1.42
C ALA B 221 6.65 13.95 1.07
N ASN B 222 7.52 13.72 0.09
CA ASN B 222 7.57 12.29 -0.40
C ASN B 222 7.89 11.10 0.57
N TRP B 223 8.58 11.47 1.56
CA TRP B 223 8.92 10.48 2.65
C TRP B 223 8.44 10.91 4.09
N THR B 224 8.05 9.96 4.78
CA THR B 224 7.66 10.23 6.20
C THR B 224 8.25 9.26 7.29
N LEU B 225 8.81 9.90 8.24
CA LEU B 225 9.33 9.09 9.40
C LEU B 225 8.22 8.92 10.51
N VAL B 226 7.83 7.72 10.62
CA VAL B 226 6.77 7.44 11.64
C VAL B 226 7.15 6.59 12.90
N VAL B 227 6.85 7.17 13.96
CA VAL B 227 7.04 6.44 15.27
C VAL B 227 5.65 6.04 15.94
N ALA B 228 5.49 4.84 15.97
CA ALA B 228 4.20 4.32 16.58
C ALA B 228 4.29 3.30 17.77
N VAL B 229 3.43 3.52 18.64
CA VAL B 229 3.42 2.57 19.81
C VAL B 229 2.77 1.16 19.56
N PHE B 230 3.53 0.22 19.85
CA PHE B 230 2.93 -1.20 19.78
C PHE B 230 2.29 -1.84 21.07
N SER B 231 3.17 -1.85 21.99
CA SER B 231 2.72 -2.24 23.40
C SER B 231 2.97 -1.07 24.45
N PRO B 232 1.94 -0.74 25.04
CA PRO B 232 2.01 0.45 26.00
C PRO B 232 3.15 0.50 27.09
N LEU B 233 3.63 1.67 27.18
CA LEU B 233 4.68 1.93 28.24
C LEU B 233 4.20 1.54 29.68
N GLN B 234 5.01 0.89 30.33
CA GLN B 234 4.67 0.43 31.73
C GLN B 234 5.83 0.41 32.79
N TYR B 235 5.50 0.88 33.88
CA TYR B 235 6.49 0.86 34.98
C TYR B 235 5.94 0.94 36.43
N ALA B 236 6.59 0.14 37.16
CA ALA B 236 6.23 0.21 38.64
C ALA B 236 6.51 1.61 39.33
N SER B 237 5.67 1.87 40.18
CA SER B 237 5.89 3.16 40.98
C SER B 237 7.34 3.27 41.61
N GLY B 238 7.91 4.34 41.42
CA GLY B 238 9.35 4.52 41.91
C GLY B 238 10.37 4.53 40.69
N SER B 239 9.93 3.70 39.79
CA SER B 239 10.73 3.68 38.47
C SER B 239 10.71 5.08 37.70
N SER B 240 11.84 5.42 37.23
CA SER B 240 11.85 6.74 36.45
C SER B 240 10.62 6.90 35.44
N SER B 241 9.80 7.79 35.80
CA SER B 241 8.54 8.02 34.96
C SER B 241 8.65 8.87 33.64
N ASP B 242 9.68 9.63 33.68
CA ASP B 242 9.92 10.53 32.48
C ASP B 242 10.72 9.89 31.29
N VAL B 243 9.99 9.62 30.30
CA VAL B 243 10.62 9.00 29.08
C VAL B 243 10.48 9.73 27.68
N GLN B 244 11.60 10.26 27.26
CA GLN B 244 11.56 10.89 25.91
C GLN B 244 12.01 10.00 24.66
N ILE B 245 11.52 10.47 23.62
CA ILE B 245 11.95 9.90 22.30
C ILE B 245 12.57 11.01 21.34
N THR B 246 13.79 10.88 21.18
CA THR B 246 14.50 11.83 20.24
C THR B 246 14.99 11.13 18.90
N ALA B 247 15.45 11.91 18.09
CA ALA B 247 15.99 11.36 16.79
C ALA B 247 17.14 12.13 16.03
N SER B 248 17.99 11.35 15.56
CA SER B 248 19.10 11.96 14.69
C SER B 248 18.87 11.71 13.14
N ILE B 249 18.47 12.76 12.54
CA ILE B 249 18.17 12.65 11.07
C ILE B 249 19.23 13.21 10.08
N GLN B 250 19.55 12.35 9.21
CA GLN B 250 20.58 12.76 8.19
C GLN B 250 20.25 12.59 6.66
N PRO B 251 20.37 13.69 6.04
CA PRO B 251 20.15 13.65 4.52
C PRO B 251 21.25 12.87 3.68
N VAL B 252 20.84 11.82 3.15
CA VAL B 252 21.88 11.04 2.36
C VAL B 252 22.14 11.48 0.87
N ASN B 253 23.31 12.05 0.76
CA ASN B 253 23.67 12.56 -0.61
C ASN B 253 22.70 13.54 -1.36
N PRO B 254 22.32 14.45 -0.54
CA PRO B 254 21.36 15.46 -1.17
C PRO B 254 21.83 16.13 -2.52
N VAL B 255 21.01 16.12 -3.36
CA VAL B 255 21.37 16.78 -4.67
C VAL B 255 20.41 17.92 -5.12
N PHE B 256 20.99 19.02 -5.17
CA PHE B 256 20.16 20.21 -5.60
C PHE B 256 20.19 20.86 -7.02
N ASN B 257 19.05 21.07 -7.48
CA ASN B 257 18.91 21.76 -8.82
C ASN B 257 17.93 22.98 -8.94
N GLY B 258 18.16 23.70 -9.95
CA GLY B 258 17.27 24.92 -10.12
C GLY B 258 17.45 26.02 -9.01
N LEU B 259 18.66 26.43 -8.97
CA LEU B 259 19.02 27.55 -8.01
C LEU B 259 18.20 28.89 -8.25
N ARG B 260 17.79 29.44 -7.23
CA ARG B 260 17.00 30.74 -7.34
C ARG B 260 16.92 31.63 -6.04
N HIS B 261 16.17 32.71 -6.24
CA HIS B 261 15.97 33.49 -4.96
C HIS B 261 15.28 32.57 -3.86
N GLU B 262 15.50 32.90 -2.71
CA GLU B 262 14.97 32.01 -1.63
C GLU B 262 13.46 31.83 -1.25
N THR B 263 13.14 30.55 -1.31
CA THR B 263 11.73 30.25 -0.85
C THR B 263 11.54 30.60 0.69
N VAL B 264 10.70 31.53 0.85
CA VAL B 264 10.47 31.93 2.28
C VAL B 264 9.64 30.95 3.21
N ILE B 265 10.30 29.83 3.45
CA ILE B 265 9.63 28.88 4.46
C ILE B 265 9.20 29.69 5.78
N ALA B 266 10.28 30.27 6.28
CA ALA B 266 10.10 31.11 7.54
C ALA B 266 8.79 30.84 8.37
N SER C 1 -6.12 -14.11 -54.34
CA SER C 1 -7.53 -14.74 -53.87
C SER C 1 -7.82 -14.73 -52.32
N PRO C 2 -9.10 -14.61 -52.06
CA PRO C 2 -9.41 -14.64 -50.57
C PRO C 2 -9.34 -16.03 -49.82
N ILE C 3 -8.89 -15.95 -48.67
CA ILE C 3 -8.87 -17.22 -47.88
C ILE C 3 -10.27 -17.60 -47.27
N ALA C 4 -10.68 -18.73 -47.65
CA ALA C 4 -12.01 -19.17 -47.03
C ALA C 4 -11.95 -19.50 -45.47
N VAL C 5 -12.85 -18.93 -44.81
CA VAL C 5 -12.87 -19.17 -43.34
C VAL C 5 -14.20 -19.66 -42.67
N THR C 6 -13.96 -20.54 -41.80
CA THR C 6 -15.17 -21.04 -40.98
C THR C 6 -15.37 -20.23 -39.63
N VAL C 7 -16.38 -19.45 -39.69
CA VAL C 7 -16.66 -18.59 -38.47
C VAL C 7 -17.33 -19.29 -37.23
N ARG C 8 -16.46 -19.47 -36.27
CA ARG C 8 -16.95 -20.19 -35.03
C ARG C 8 -18.19 -19.61 -34.24
N GLU C 9 -18.96 -20.57 -33.85
CA GLU C 9 -20.20 -20.18 -33.05
C GLU C 9 -20.10 -19.03 -31.95
N HIS C 10 -18.90 -19.01 -31.44
CA HIS C 10 -18.67 -17.99 -30.34
C HIS C 10 -18.25 -16.53 -30.73
N LYS C 11 -18.58 -16.24 -31.91
CA LYS C 11 -18.19 -14.88 -32.41
C LYS C 11 -18.78 -13.61 -31.73
N GLY C 12 -17.93 -12.63 -31.85
CA GLY C 12 -18.31 -11.27 -31.26
C GLY C 12 -18.23 -11.24 -29.69
N CYS C 13 -17.94 -12.43 -29.25
CA CYS C 13 -17.80 -12.56 -27.76
C CYS C 13 -16.55 -11.91 -27.08
N PHE C 14 -16.89 -11.23 -26.08
CA PHE C 14 -15.77 -10.64 -25.21
C PHE C 14 -15.29 -11.39 -23.91
N TYR C 15 -14.05 -11.60 -23.84
CA TYR C 15 -13.52 -12.35 -22.66
C TYR C 15 -12.66 -11.51 -21.62
N SER C 16 -13.32 -11.30 -20.50
CA SER C 16 -12.54 -10.49 -19.45
C SER C 16 -11.03 -10.94 -19.22
N THR C 17 -10.95 -12.24 -19.33
CA THR C 17 -9.56 -12.85 -19.17
C THR C 17 -8.86 -13.43 -20.45
N ASN C 18 -9.41 -12.96 -21.53
CA ASN C 18 -8.77 -13.40 -22.83
C ASN C 18 -7.19 -13.34 -22.93
N PRO C 19 -6.67 -14.47 -23.12
CA PRO C 19 -5.13 -14.59 -23.17
C PRO C 19 -4.36 -13.84 -24.33
N ASP C 20 -5.10 -12.96 -24.84
CA ASP C 20 -4.51 -12.19 -26.02
C ASP C 20 -4.71 -10.64 -25.99
N THR C 21 -3.93 -10.06 -26.79
CA THR C 21 -4.01 -8.54 -26.87
C THR C 21 -5.03 -7.95 -27.91
N THR C 22 -5.16 -6.72 -27.79
CA THR C 22 -6.09 -5.98 -28.75
C THR C 22 -5.42 -4.85 -29.61
N VAL C 23 -6.23 -4.17 -30.29
CA VAL C 23 -5.69 -3.08 -31.17
C VAL C 23 -5.05 -1.78 -30.54
N PRO C 24 -3.89 -1.55 -31.04
CA PRO C 24 -3.11 -0.31 -30.55
C PRO C 24 -3.42 1.06 -31.28
N ILE C 25 -3.86 1.96 -30.58
CA ILE C 25 -4.27 3.25 -31.26
C ILE C 25 -3.36 4.50 -31.16
N TYR C 26 -2.39 4.38 -30.35
CA TYR C 26 -1.38 5.49 -30.15
C TYR C 26 0.12 4.98 -30.09
N GLY C 27 0.44 4.31 -31.13
CA GLY C 27 1.80 3.66 -31.21
C GLY C 27 3.07 4.58 -31.16
N LYS C 28 4.16 3.86 -31.04
CA LYS C 28 5.48 4.58 -30.95
C LYS C 28 5.63 5.62 -29.79
N THR C 29 4.79 5.40 -28.91
CA THR C 29 4.87 6.31 -27.71
C THR C 29 5.86 5.81 -26.59
N ILE C 30 6.82 6.61 -26.45
CA ILE C 30 7.82 6.25 -25.37
C ILE C 30 7.22 6.32 -23.92
N SER C 31 7.51 5.35 -23.21
CA SER C 31 7.03 5.36 -21.75
C SER C 31 7.99 6.19 -20.77
N THR C 32 7.44 7.29 -20.37
CA THR C 32 8.34 8.14 -19.47
C THR C 32 9.39 7.35 -18.59
N PRO C 33 10.59 7.55 -19.02
CA PRO C 33 11.70 6.86 -18.21
C PRO C 33 11.65 6.94 -16.64
N ASN C 34 11.72 5.80 -16.12
CA ASN C 34 11.75 5.67 -14.61
C ASN C 34 12.93 4.84 -13.96
N ASP C 35 13.99 4.90 -14.78
CA ASP C 35 15.21 4.13 -14.31
C ASP C 35 15.76 4.49 -12.87
N TYR C 36 15.40 5.68 -12.46
CA TYR C 36 15.83 6.07 -11.09
C TYR C 36 15.18 5.25 -9.89
N MET C 37 14.04 4.72 -10.21
CA MET C 37 13.29 4.04 -9.12
C MET C 37 13.88 2.79 -8.41
N CYS C 38 13.62 2.83 -7.15
CA CYS C 38 13.95 1.64 -6.24
C CYS C 38 12.61 0.96 -5.66
N GLY C 39 12.78 0.03 -4.87
CA GLY C 39 11.58 -0.60 -4.19
C GLY C 39 10.62 -1.47 -5.07
N GLU C 40 11.08 -1.69 -6.24
CA GLU C 40 10.24 -2.58 -7.12
C GLU C 40 10.10 -4.14 -6.82
N PHE C 41 8.96 -4.56 -7.02
CA PHE C 41 8.70 -6.07 -6.90
C PHE C 41 7.74 -6.84 -7.89
N SER C 42 8.05 -8.03 -8.07
CA SER C 42 7.25 -8.82 -9.11
C SER C 42 6.16 -9.87 -8.66
N ASP C 43 6.41 -10.31 -7.51
CA ASP C 43 5.48 -11.38 -6.99
C ASP C 43 4.64 -11.08 -5.70
N LEU C 44 3.37 -11.05 -5.95
CA LEU C 44 2.47 -10.78 -4.75
C LEU C 44 2.81 -11.68 -3.51
N LEU C 45 3.33 -12.81 -3.90
CA LEU C 45 3.73 -13.81 -2.84
C LEU C 45 4.70 -13.31 -1.73
N GLU C 46 5.56 -12.50 -2.22
CA GLU C 46 6.53 -11.86 -1.21
C GLU C 46 5.89 -10.97 -0.08
N LEU C 47 4.95 -10.25 -0.65
CA LEU C 47 4.14 -9.44 0.36
C LEU C 47 3.61 -10.39 1.49
N CYS C 48 3.26 -11.57 0.96
CA CYS C 48 2.74 -12.62 1.92
C CYS C 48 3.69 -13.06 3.10
N LYS C 49 4.93 -12.99 2.77
CA LYS C 49 5.95 -13.39 3.81
C LYS C 49 6.39 -12.30 4.83
N LEU C 50 5.94 -11.15 4.48
CA LEU C 50 6.20 -10.04 5.46
C LEU C 50 5.21 -10.11 6.69
N PRO C 51 5.80 -10.47 7.74
CA PRO C 51 4.89 -10.56 8.97
C PRO C 51 4.11 -9.26 9.39
N THR C 52 2.90 -9.48 9.46
CA THR C 52 2.00 -8.33 9.91
C THR C 52 1.09 -8.71 11.13
N PHE C 53 0.56 -7.74 11.68
CA PHE C 53 -0.27 -8.03 12.91
C PHE C 53 -1.63 -8.77 13.01
N LEU C 54 -1.61 -9.67 13.93
CA LEU C 54 -2.90 -10.41 14.24
C LEU C 54 -3.83 -9.54 15.18
N GLY C 55 -5.03 -9.49 14.84
CA GLY C 55 -6.01 -8.67 15.66
C GLY C 55 -6.70 -9.45 16.84
N ASN C 56 -6.08 -9.30 17.95
CA ASN C 56 -6.65 -9.96 19.18
C ASN C 56 -7.78 -9.23 20.00
N PRO C 57 -8.87 -9.86 19.98
CA PRO C 57 -10.10 -9.27 20.64
C PRO C 57 -10.18 -9.17 22.21
N ASN C 58 -10.56 -8.09 22.61
CA ASN C 58 -10.80 -7.86 24.09
C ASN C 58 -12.25 -8.15 24.67
N SER C 59 -12.31 -8.39 25.91
CA SER C 59 -13.74 -8.60 26.47
C SER C 59 -14.80 -7.56 25.87
N ASN C 60 -14.49 -6.29 26.23
CA ASN C 60 -15.35 -5.25 25.54
C ASN C 60 -15.23 -5.33 23.94
N ASN C 61 -14.49 -6.46 23.68
CA ASN C 61 -14.31 -6.78 22.23
C ASN C 61 -13.72 -5.76 21.19
N LYS C 62 -12.60 -5.35 21.53
CA LYS C 62 -11.80 -4.40 20.64
C LYS C 62 -10.34 -4.97 20.41
N ARG C 63 -9.78 -4.69 19.34
CA ARG C 63 -8.46 -5.36 19.05
C ARG C 63 -7.06 -4.80 19.43
N TYR C 64 -6.26 -5.79 19.73
CA TYR C 64 -4.84 -5.48 20.04
C TYR C 64 -3.75 -6.26 19.24
N PRO C 65 -2.76 -5.50 18.97
CA PRO C 65 -1.60 -6.19 18.23
C PRO C 65 -0.86 -7.34 19.01
N TYR C 66 -1.50 -7.53 20.17
CA TYR C 66 -0.93 -8.55 21.09
C TYR C 66 -1.86 -9.18 22.18
N PHE C 67 -1.21 -10.02 22.84
CA PHE C 67 -1.85 -10.63 24.10
C PHE C 67 -1.04 -10.58 25.46
N SER C 68 -1.73 -10.67 26.46
CA SER C 68 -1.02 -10.57 27.79
C SER C 68 -0.89 -11.85 28.68
N ALA C 69 0.16 -11.84 29.31
CA ALA C 69 0.44 -12.96 30.29
C ALA C 69 1.03 -12.48 31.68
N THR C 70 0.91 -13.30 32.56
CA THR C 70 1.42 -12.90 33.94
C THR C 70 1.92 -14.05 34.88
N ASN C 71 2.12 -13.63 36.09
CA ASN C 71 2.55 -14.69 37.05
C ASN C 71 1.55 -15.83 37.47
N SER C 72 1.08 -16.37 36.41
CA SER C 72 0.08 -17.52 36.57
C SER C 72 -0.02 -18.54 35.36
N VAL C 73 -0.51 -19.64 35.71
CA VAL C 73 -0.74 -20.64 34.60
C VAL C 73 -2.23 -20.97 34.24
N PRO C 74 -2.73 -19.94 33.58
CA PRO C 74 -4.18 -20.11 33.14
C PRO C 74 -4.60 -21.56 32.67
N THR C 75 -5.43 -22.06 33.44
CA THR C 75 -5.91 -23.48 33.10
C THR C 75 -6.26 -23.72 31.57
N THR C 76 -6.78 -22.65 31.05
CA THR C 76 -7.09 -22.66 29.53
C THR C 76 -5.96 -21.97 28.65
N SER C 77 -6.18 -22.00 27.40
CA SER C 77 -5.13 -21.33 26.50
C SER C 77 -5.11 -19.74 26.46
N LEU C 78 -3.91 -19.26 26.28
CA LEU C 78 -3.81 -17.74 26.22
C LEU C 78 -4.41 -17.06 24.97
N VAL C 79 -4.15 -17.66 23.92
CA VAL C 79 -4.76 -17.27 22.60
C VAL C 79 -4.86 -18.49 21.61
N ASP C 80 -5.71 -18.35 20.78
CA ASP C 80 -5.81 -19.48 19.78
C ASP C 80 -6.25 -19.10 18.34
N TYR C 81 -5.24 -19.20 17.55
CA TYR C 81 -5.46 -18.92 16.10
C TYR C 81 -5.88 -20.18 15.27
N GLN C 82 -6.86 -19.98 14.61
CA GLN C 82 -7.37 -21.09 13.69
C GLN C 82 -6.67 -21.11 12.25
N VAL C 83 -5.72 -21.96 12.17
CA VAL C 83 -5.06 -22.06 10.79
C VAL C 83 -6.10 -22.09 9.59
N ALA C 84 -6.39 -20.95 9.17
CA ALA C 84 -7.44 -20.76 8.06
C ALA C 84 -7.52 -19.31 7.41
N LEU C 85 -6.75 -19.19 6.39
CA LEU C 85 -6.69 -17.80 5.73
C LEU C 85 -7.96 -16.93 5.88
N SER C 86 -9.04 -17.56 5.57
CA SER C 86 -10.40 -16.88 5.82
C SER C 86 -10.60 -16.34 7.30
N CYS C 87 -10.08 -17.21 8.13
CA CYS C 87 -10.08 -16.88 9.64
C CYS C 87 -9.99 -15.34 10.01
N SER C 88 -10.73 -14.97 10.98
CA SER C 88 -10.82 -13.50 11.34
C SER C 88 -9.72 -12.67 12.10
N CYS C 89 -9.10 -13.28 13.03
CA CYS C 89 -7.97 -12.52 13.74
C CYS C 89 -6.83 -12.02 12.73
N MET C 90 -6.90 -12.74 11.62
CA MET C 90 -5.95 -12.35 10.49
C MET C 90 -6.62 -11.37 9.45
N CYS C 91 -7.92 -11.33 9.62
CA CYS C 91 -8.70 -10.39 8.70
C CYS C 91 -7.86 -9.22 8.05
N ASN C 92 -7.07 -8.68 8.95
CA ASN C 92 -6.21 -7.54 8.48
C ASN C 92 -4.68 -7.59 8.27
N SER C 93 -4.24 -8.81 8.27
CA SER C 93 -2.77 -9.05 7.91
C SER C 93 -2.47 -9.07 6.35
N MET C 94 -1.31 -8.63 6.02
CA MET C 94 -0.98 -8.67 4.53
C MET C 94 -1.22 -10.10 3.92
N LEU C 95 -0.79 -11.04 4.75
CA LEU C 95 -1.01 -12.48 4.33
C LEU C 95 -2.49 -12.78 3.85
N ALA C 96 -3.33 -12.52 4.82
CA ALA C 96 -4.82 -12.67 4.49
C ALA C 96 -5.39 -11.71 3.34
N ALA C 97 -4.89 -10.50 3.50
CA ALA C 97 -5.28 -9.47 2.42
C ALA C 97 -4.93 -9.90 0.92
N VAL C 98 -3.76 -10.50 0.90
CA VAL C 98 -3.36 -11.09 -0.45
C VAL C 98 -4.15 -12.44 -0.78
N ALA C 99 -4.05 -13.27 0.24
CA ALA C 99 -4.80 -14.60 0.10
C ALA C 99 -6.32 -14.59 -0.36
N ARG C 100 -6.96 -13.56 0.12
CA ARG C 100 -8.43 -13.46 -0.30
C ARG C 100 -8.71 -13.20 -1.83
N ASN C 101 -7.61 -12.88 -2.44
CA ASN C 101 -7.66 -12.71 -3.96
C ASN C 101 -7.27 -13.94 -4.83
N PHE C 102 -7.07 -14.91 -4.03
CA PHE C 102 -6.76 -16.30 -4.61
C PHE C 102 -7.55 -17.55 -4.07
N ASN C 103 -7.91 -18.37 -4.93
CA ASN C 103 -8.75 -19.55 -4.51
C ASN C 103 -8.20 -20.71 -3.60
N GLN C 104 -6.96 -20.95 -3.83
CA GLN C 104 -6.27 -22.04 -3.03
C GLN C 104 -4.79 -21.77 -2.53
N TYR C 105 -4.50 -22.45 -1.50
CA TYR C 105 -3.13 -22.35 -0.96
C TYR C 105 -2.42 -23.71 -0.56
N ARG C 106 -1.23 -23.57 -0.37
CA ARG C 106 -0.35 -24.75 0.04
C ARG C 106 0.94 -24.31 0.85
N GLY C 107 1.20 -25.06 1.80
CA GLY C 107 2.44 -24.74 2.58
C GLY C 107 2.30 -24.15 4.02
N SER C 108 3.47 -23.88 4.48
CA SER C 108 3.51 -23.36 5.88
C SER C 108 3.11 -21.89 6.22
N LEU C 109 2.45 -21.85 7.31
CA LEU C 109 2.16 -20.51 7.90
C LEU C 109 3.18 -20.27 9.11
N ASN C 110 3.70 -19.20 9.10
CA ASN C 110 4.62 -18.84 10.22
C ASN C 110 4.07 -17.82 11.30
N PHE C 111 3.84 -18.33 12.42
CA PHE C 111 3.43 -17.36 13.53
C PHE C 111 4.54 -16.69 14.44
N LEU C 112 4.64 -15.46 14.25
CA LEU C 112 5.71 -14.72 14.99
C LEU C 112 5.33 -14.03 16.33
N PHE C 113 5.95 -14.52 17.30
CA PHE C 113 5.76 -13.87 18.67
C PHE C 113 6.90 -13.00 19.33
N VAL C 114 6.51 -11.87 19.65
CA VAL C 114 7.52 -10.94 20.28
C VAL C 114 7.26 -10.45 21.75
N PHE C 115 8.09 -10.96 22.56
CA PHE C 115 7.96 -10.50 24.01
C PHE C 115 8.39 -9.05 24.44
N THR C 116 7.38 -8.32 24.72
CA THR C 116 7.67 -6.87 25.12
C THR C 116 7.59 -6.50 26.64
N GLY C 117 7.42 -7.57 27.37
CA GLY C 117 7.45 -7.36 28.88
C GLY C 117 8.91 -6.86 29.32
N ALA C 118 9.01 -6.58 30.53
CA ALA C 118 10.38 -6.12 31.03
C ALA C 118 11.60 -7.13 30.93
N ALA C 119 12.70 -6.54 30.69
CA ALA C 119 13.95 -7.45 30.65
C ALA C 119 14.08 -8.47 31.87
N MET C 120 13.65 -7.90 32.97
CA MET C 120 13.70 -8.72 34.25
C MET C 120 12.68 -9.90 34.36
N VAL C 121 11.82 -9.88 33.40
CA VAL C 121 10.81 -11.00 33.38
C VAL C 121 11.21 -12.33 32.64
N LYS C 122 10.78 -13.33 33.24
CA LYS C 122 11.04 -14.68 32.62
C LYS C 122 9.81 -15.61 32.49
N GLY C 123 10.12 -16.68 31.91
CA GLY C 123 9.02 -17.67 31.74
C GLY C 123 9.02 -18.48 30.41
N LYS C 124 8.19 -19.43 30.49
CA LYS C 124 8.06 -20.31 29.30
C LYS C 124 6.63 -20.62 28.77
N PHE C 125 6.61 -20.53 27.53
CA PHE C 125 5.32 -20.92 26.80
C PHE C 125 5.27 -22.21 25.90
N LEU C 126 4.16 -22.70 25.80
CA LEU C 126 4.01 -23.90 24.89
C LEU C 126 3.07 -23.67 23.65
N ILE C 127 3.74 -23.42 22.60
CA ILE C 127 2.95 -23.21 21.32
C ILE C 127 2.70 -24.52 20.48
N ALA C 128 1.48 -24.69 20.23
CA ALA C 128 1.09 -25.94 19.46
C ALA C 128 0.12 -25.90 18.23
N TYR C 129 0.39 -26.83 17.38
CA TYR C 129 -0.49 -26.99 16.20
C TYR C 129 -1.29 -28.36 16.17
N THR C 130 -2.52 -28.17 16.23
CA THR C 130 -3.38 -29.40 16.18
C THR C 130 -4.25 -29.63 14.91
N PRO C 131 -3.82 -30.60 14.25
CA PRO C 131 -4.61 -31.08 13.03
C PRO C 131 -6.09 -31.60 13.34
N PRO C 132 -6.89 -31.52 12.44
CA PRO C 132 -8.30 -32.05 12.72
C PRO C 132 -8.46 -33.61 12.97
N GLY C 133 -9.64 -33.99 13.11
CA GLY C 133 -9.90 -35.48 13.32
C GLY C 133 -10.37 -35.88 14.78
N ALA C 134 -9.70 -35.26 15.66
CA ALA C 134 -10.08 -35.49 17.15
C ALA C 134 -10.66 -34.24 17.93
N GLY C 135 -11.01 -33.31 17.06
CA GLY C 135 -11.52 -32.01 17.64
C GLY C 135 -10.36 -31.09 18.22
N LYS C 136 -10.71 -29.91 18.36
CA LYS C 136 -9.71 -28.91 18.93
C LYS C 136 -9.31 -29.15 20.44
N PRO C 137 -8.07 -29.04 20.67
CA PRO C 137 -7.57 -29.31 22.10
C PRO C 137 -8.21 -28.46 23.27
N THR C 138 -8.49 -29.07 24.29
CA THR C 138 -9.05 -28.25 25.45
C THR C 138 -8.12 -28.11 26.71
N THR C 139 -7.01 -28.69 26.50
CA THR C 139 -5.95 -28.64 27.62
C THR C 139 -4.46 -28.75 27.18
N ARG C 140 -3.69 -27.94 27.87
CA ARG C 140 -2.21 -28.03 27.49
C ARG C 140 -1.74 -29.53 27.21
N ASP C 141 -2.20 -30.29 28.18
CA ASP C 141 -1.88 -31.78 28.04
C ASP C 141 -2.23 -32.43 26.65
N GLN C 142 -3.42 -32.10 26.28
CA GLN C 142 -3.83 -32.61 24.89
C GLN C 142 -2.99 -31.98 23.70
N ALA C 143 -3.03 -30.66 23.86
CA ALA C 143 -2.18 -29.90 22.82
C ALA C 143 -0.70 -30.49 22.67
N MET C 144 -0.20 -30.70 23.86
CA MET C 144 1.19 -31.31 23.91
C MET C 144 1.39 -32.63 23.09
N GLN C 145 0.27 -33.24 22.84
CA GLN C 145 0.29 -34.53 22.00
C GLN C 145 0.40 -34.32 20.43
N ALA C 146 0.01 -33.15 20.12
CA ALA C 146 0.16 -32.74 18.64
C ALA C 146 1.55 -32.05 18.29
N THR C 147 1.56 -31.39 17.24
CA THR C 147 2.86 -30.66 16.94
C THR C 147 3.12 -29.40 17.88
N TYR C 148 4.18 -29.48 18.56
CA TYR C 148 4.49 -28.35 19.46
C TYR C 148 5.98 -27.96 19.72
N ALA C 149 6.02 -26.80 20.15
CA ALA C 149 7.36 -26.23 20.54
C ALA C 149 7.39 -25.33 21.84
N ILE C 150 8.34 -25.60 22.57
CA ILE C 150 8.47 -24.74 23.79
C ILE C 150 9.25 -23.39 23.57
N TRP C 151 8.59 -22.39 23.97
CA TRP C 151 9.26 -21.03 23.84
C TRP C 151 9.79 -20.43 25.18
N ASP C 152 11.07 -20.40 25.21
CA ASP C 152 11.72 -19.84 26.45
C ASP C 152 12.16 -18.33 26.40
N LEU C 153 11.61 -17.63 27.34
CA LEU C 153 12.04 -16.19 27.41
C LEU C 153 13.55 -16.03 27.83
N GLY C 154 14.06 -15.02 27.41
CA GLY C 154 15.52 -14.74 27.70
C GLY C 154 16.08 -13.54 26.85
N LEU C 155 17.32 -13.52 26.80
CA LEU C 155 17.97 -12.43 25.97
C LEU C 155 17.27 -12.15 24.58
N ASN C 156 17.20 -13.26 23.87
CA ASN C 156 16.45 -13.12 22.56
C ASN C 156 14.89 -12.88 22.66
N SER C 157 14.55 -11.78 22.17
CA SER C 157 13.10 -11.33 22.33
C SER C 157 11.93 -12.14 21.66
N SER C 158 12.28 -12.65 20.55
CA SER C 158 11.21 -13.34 19.77
C SER C 158 11.26 -14.85 19.45
N PHE C 159 10.21 -15.19 18.88
CA PHE C 159 10.04 -16.62 18.42
C PHE C 159 9.17 -17.00 17.17
N VAL C 160 9.84 -17.61 16.30
CA VAL C 160 9.09 -18.03 15.07
C VAL C 160 8.52 -19.49 15.06
N PHE C 161 7.28 -19.45 15.24
CA PHE C 161 6.56 -20.79 15.17
C PHE C 161 5.83 -21.24 13.86
N THR C 162 6.28 -22.32 13.43
CA THR C 162 5.69 -22.81 12.14
C THR C 162 4.52 -23.86 12.20
N ALA C 163 3.44 -23.33 11.77
CA ALA C 163 2.26 -24.31 11.62
C ALA C 163 2.42 -25.20 10.30
N PRO C 164 2.85 -26.35 10.59
CA PRO C 164 3.11 -27.26 9.39
C PRO C 164 1.93 -27.53 8.38
N PHE C 165 2.31 -27.52 7.19
CA PHE C 165 1.23 -27.95 6.20
C PHE C 165 0.88 -29.49 6.06
N ILE C 166 0.09 -29.85 7.01
CA ILE C 166 -0.35 -31.31 7.05
C ILE C 166 -1.80 -31.54 6.51
N SER C 167 -1.78 -32.11 5.38
CA SER C 167 -3.12 -32.28 4.69
C SER C 167 -3.37 -33.45 3.69
N PRO C 168 -4.60 -33.82 3.74
CA PRO C 168 -5.02 -34.90 2.72
C PRO C 168 -4.82 -34.55 1.19
N THR C 169 -5.16 -33.30 1.03
CA THR C 169 -5.03 -32.73 -0.38
C THR C 169 -3.79 -31.80 -0.67
N HIS C 170 -3.35 -31.94 -1.86
CA HIS C 170 -2.15 -31.07 -2.26
C HIS C 170 -2.37 -29.52 -2.07
N TYR C 171 -3.63 -29.22 -2.13
CA TYR C 171 -4.06 -27.81 -1.89
C TYR C 171 -5.30 -27.64 -0.92
N ARG C 172 -5.37 -26.46 -0.51
CA ARG C 172 -6.55 -26.10 0.36
C ARG C 172 -7.29 -24.77 -0.03
N GLN C 173 -8.55 -24.91 0.03
CA GLN C 173 -9.34 -23.65 -0.30
C GLN C 173 -9.04 -22.44 0.67
N THR C 174 -8.87 -21.34 0.06
CA THR C 174 -8.57 -20.14 0.94
C THR C 174 -9.77 -19.48 1.74
N SER C 175 -10.92 -19.91 1.36
CA SER C 175 -12.14 -19.26 1.97
C SER C 175 -13.32 -20.08 2.64
N TYR C 176 -13.75 -19.50 3.73
CA TYR C 176 -14.99 -20.12 4.34
C TYR C 176 -16.28 -19.83 3.45
N THR C 177 -16.26 -20.52 2.36
CA THR C 177 -17.42 -20.32 1.38
C THR C 177 -18.79 -21.04 1.66
N SER C 178 -18.63 -22.13 2.33
CA SER C 178 -19.86 -22.94 2.70
C SER C 178 -19.96 -23.60 4.14
N ALA C 179 -18.90 -24.23 4.48
CA ALA C 179 -18.85 -24.90 5.86
C ALA C 179 -17.59 -25.76 6.33
N ALA C 182 -16.68 -28.68 5.28
CA ALA C 182 -15.37 -28.59 6.24
C ALA C 182 -14.81 -27.16 6.60
N SER C 183 -15.17 -26.74 7.79
CA SER C 183 -14.70 -25.35 8.21
C SER C 183 -13.13 -25.06 8.27
N VAL C 184 -12.50 -25.89 9.05
CA VAL C 184 -11.03 -25.68 9.17
C VAL C 184 -9.97 -26.80 8.93
N ASP C 185 -8.81 -26.25 8.97
CA ASP C 185 -7.54 -27.10 8.84
C ASP C 185 -6.69 -27.17 10.18
N GLY C 186 -7.41 -27.29 11.23
CA GLY C 186 -6.72 -27.34 12.57
C GLY C 186 -6.45 -25.95 13.27
N TRP C 187 -5.99 -26.09 14.45
CA TRP C 187 -5.71 -24.88 15.29
C TRP C 187 -4.27 -24.65 15.86
N VAL C 188 -3.98 -23.42 15.92
CA VAL C 188 -2.71 -23.04 16.65
C VAL C 188 -3.02 -22.48 18.12
N THR C 189 -2.61 -23.25 19.02
CA THR C 189 -2.88 -22.79 20.44
C THR C 189 -1.64 -22.45 21.33
N VAL C 190 -1.81 -21.35 21.95
CA VAL C 190 -0.71 -20.90 22.88
C VAL C 190 -0.98 -21.03 24.42
N TRP C 191 -0.14 -21.76 24.99
CA TRP C 191 -0.27 -22.01 26.47
C TRP C 191 0.96 -21.62 27.37
N GLN C 192 0.61 -21.33 28.58
CA GLN C 192 1.76 -21.13 29.55
C GLN C 192 2.39 -22.53 30.03
N LEU C 193 3.60 -22.62 29.83
CA LEU C 193 4.25 -23.88 30.42
C LEU C 193 4.57 -23.64 31.94
N THR C 194 5.29 -22.59 32.05
CA THR C 194 5.60 -22.03 33.45
C THR C 194 5.14 -20.52 33.59
N PRO C 195 4.83 -20.17 34.74
CA PRO C 195 4.34 -18.73 34.90
C PRO C 195 5.36 -17.57 34.56
N LEU C 196 4.82 -16.52 34.08
CA LEU C 196 5.82 -15.41 33.95
C LEU C 196 6.36 -15.05 35.41
N THR C 197 7.57 -15.21 35.55
CA THR C 197 8.18 -14.88 36.91
C THR C 197 9.07 -13.58 36.91
N TYR C 198 9.06 -12.94 37.97
CA TYR C 198 9.84 -11.66 38.08
C TYR C 198 10.05 -11.08 39.52
N PRO C 199 10.72 -10.00 39.49
CA PRO C 199 11.02 -9.33 40.84
C PRO C 199 10.03 -8.20 41.31
N SER C 200 10.12 -7.90 42.51
CA SER C 200 9.29 -6.67 42.88
C SER C 200 9.70 -5.40 41.95
N GLY C 201 8.84 -4.54 41.83
CA GLY C 201 9.16 -3.28 41.01
C GLY C 201 9.01 -3.44 39.45
N THR C 202 8.48 -4.53 39.14
CA THR C 202 8.23 -4.86 37.67
C THR C 202 6.73 -5.04 37.24
N PRO C 203 6.43 -4.33 36.22
CA PRO C 203 5.01 -4.57 35.68
C PRO C 203 4.57 -6.09 35.53
N VAL C 204 3.67 -6.40 36.41
CA VAL C 204 3.21 -7.86 36.48
C VAL C 204 2.51 -8.50 35.23
N ASN C 205 2.05 -7.59 34.45
CA ASN C 205 1.43 -8.07 33.17
C ASN C 205 2.15 -7.72 31.81
N SER C 206 2.79 -8.72 31.40
CA SER C 206 3.54 -8.51 30.09
C SER C 206 2.75 -8.75 28.75
N ASP C 207 3.03 -7.88 27.90
CA ASP C 207 2.38 -7.99 26.53
C ASP C 207 3.26 -8.70 25.42
N ILE C 208 2.65 -9.62 24.83
CA ILE C 208 3.35 -10.35 23.70
C ILE C 208 2.78 -10.03 22.27
N LEU C 209 3.59 -9.29 21.57
CA LEU C 209 3.12 -8.98 20.17
C LEU C 209 2.86 -10.27 19.30
N THR C 210 1.79 -10.22 18.69
CA THR C 210 1.43 -11.39 17.78
C THR C 210 1.27 -11.10 16.25
N LEU C 211 2.26 -11.52 15.57
CA LEU C 211 2.22 -11.37 14.08
C LEU C 211 2.14 -12.72 13.28
N VAL C 212 1.62 -12.61 12.17
CA VAL C 212 1.54 -13.82 11.27
C VAL C 212 2.03 -13.58 9.78
N SER C 213 2.46 -14.59 9.25
CA SER C 213 2.98 -14.51 7.81
C SER C 213 3.09 -15.89 7.05
N ALA C 214 3.10 -15.75 5.80
CA ALA C 214 3.35 -17.05 5.03
C ALA C 214 4.83 -17.63 5.21
N GLY C 215 4.87 -18.84 5.51
CA GLY C 215 6.25 -19.46 5.65
C GLY C 215 6.97 -19.65 4.25
N ASP C 216 8.05 -20.14 4.30
CA ASP C 216 8.91 -20.45 3.07
C ASP C 216 8.29 -21.38 1.94
N ASP C 217 7.79 -22.46 2.40
CA ASP C 217 7.10 -23.48 1.50
C ASP C 217 5.86 -22.91 0.68
N PHE C 218 5.31 -22.00 1.39
CA PHE C 218 4.01 -21.39 0.90
C PHE C 218 3.66 -20.75 -0.47
N THR C 219 2.56 -21.22 -0.93
CA THR C 219 2.05 -20.68 -2.25
C THR C 219 0.51 -20.45 -2.40
N LEU C 220 0.24 -19.61 -3.28
CA LEU C 220 -1.21 -19.31 -3.62
C LEU C 220 -1.52 -19.49 -5.16
N ARG C 221 -2.70 -19.76 -5.41
CA ARG C 221 -3.09 -19.91 -6.87
C ARG C 221 -4.58 -19.61 -7.28
N MET C 222 -4.73 -19.58 -8.57
CA MET C 222 -6.08 -19.23 -9.11
C MET C 222 -6.65 -17.84 -8.63
N PRO C 223 -6.21 -16.89 -9.37
CA PRO C 223 -6.71 -15.48 -9.02
C PRO C 223 -8.27 -15.21 -9.13
N ILE C 224 -8.75 -14.79 -8.10
CA ILE C 224 -10.24 -14.53 -8.06
C ILE C 224 -10.68 -13.23 -7.30
N SER C 225 -11.94 -13.10 -7.30
CA SER C 225 -12.54 -11.92 -6.53
C SER C 225 -13.22 -12.28 -5.15
N PRO C 226 -12.81 -11.55 -4.21
CA PRO C 226 -13.48 -11.79 -2.84
C PRO C 226 -14.97 -11.28 -2.72
N THR C 227 -15.67 -11.82 -1.87
CA THR C 227 -17.03 -11.13 -1.72
C THR C 227 -16.81 -9.56 -1.40
N LYS C 228 -17.35 -8.78 -2.25
CA LYS C 228 -17.11 -7.31 -2.02
C LYS C 228 -17.44 -6.78 -0.58
N TRP C 229 -16.62 -5.91 -0.20
CA TRP C 229 -16.85 -5.31 1.17
C TRP C 229 -16.71 -3.78 1.31
N VAL C 230 -17.15 -3.36 2.39
CA VAL C 230 -17.01 -1.89 2.74
C VAL C 230 -16.37 -1.58 4.15
N PRO C 231 -15.20 -1.10 4.03
CA PRO C 231 -14.49 -0.74 5.36
C PRO C 231 -15.41 -0.09 6.49
N GLN C 232 -15.62 -0.86 7.51
CA GLN C 232 -16.64 -0.42 8.56
C GLN C 232 -17.87 0.47 8.04
N SER D 14 5.46 -13.03 -19.11
CA SER D 14 5.27 -12.64 -17.63
C SER D 14 3.75 -12.37 -17.23
N GLY D 15 3.16 -11.63 -18.14
CA GLY D 15 1.69 -11.29 -17.93
C GLY D 15 0.66 -12.37 -18.42
N ASN D 16 -0.56 -11.96 -18.37
CA ASN D 16 -1.66 -12.89 -18.86
C ASN D 16 -1.95 -13.02 -20.40
N GLU D 17 -0.86 -13.28 -21.02
CA GLU D 17 -0.87 -13.49 -22.54
C GLU D 17 -0.28 -14.87 -23.08
N GLY D 18 -1.14 -15.59 -23.65
CA GLY D 18 -0.70 -16.98 -24.10
C GLY D 18 -0.90 -17.34 -25.60
N VAL D 19 -0.73 -16.35 -26.38
CA VAL D 19 -0.84 -16.61 -27.87
C VAL D 19 0.48 -16.65 -28.73
N ILE D 20 0.65 -17.75 -29.32
CA ILE D 20 1.87 -17.95 -30.21
C ILE D 20 2.10 -16.90 -31.37
N ILE D 21 1.20 -16.94 -32.30
CA ILE D 21 1.22 -15.92 -33.44
C ILE D 21 1.18 -14.41 -32.92
N ASN D 22 1.55 -14.29 -31.75
CA ASN D 22 1.47 -12.95 -31.05
C ASN D 22 2.26 -11.67 -31.48
N ASN D 23 2.32 -11.48 -32.69
CA ASN D 23 3.03 -10.28 -33.27
C ASN D 23 2.22 -9.26 -34.15
N PHE D 24 1.69 -9.88 -35.21
CA PHE D 24 0.89 -8.98 -36.16
C PHE D 24 1.15 -7.43 -36.23
N TYR D 25 0.83 -6.84 -35.10
CA TYR D 25 1.24 -5.42 -34.92
C TYR D 25 2.74 -5.36 -34.34
N SER D 26 3.47 -4.62 -34.98
CA SER D 26 4.88 -4.48 -34.44
C SER D 26 4.98 -4.11 -32.89
N ASN D 27 5.91 -4.68 -32.33
CA ASN D 27 6.17 -4.43 -30.87
C ASN D 27 6.10 -2.97 -30.28
N GLN D 28 6.71 -2.23 -31.05
CA GLN D 28 6.81 -0.73 -30.76
C GLN D 28 5.47 0.09 -30.90
N TYR D 29 4.64 -0.59 -31.64
CA TYR D 29 3.24 -0.04 -31.79
C TYR D 29 2.28 -0.66 -30.67
N GLN D 30 2.54 -1.95 -30.57
CA GLN D 30 1.70 -2.69 -29.52
C GLN D 30 1.92 -2.26 -28.01
N ASN D 31 3.09 -1.80 -27.84
CA ASN D 31 3.47 -1.30 -26.47
C ASN D 31 4.27 0.03 -26.30
N SER D 32 3.97 0.60 -25.19
CA SER D 32 4.81 1.85 -24.92
C SER D 32 6.38 1.49 -25.00
N ILE D 33 7.04 2.32 -25.60
CA ILE D 33 8.53 2.03 -25.70
C ILE D 33 9.36 2.34 -24.40
N ASP D 34 9.90 1.27 -23.91
CA ASP D 34 10.76 1.43 -22.67
C ASP D 34 12.19 2.02 -22.96
N LEU D 35 12.39 3.01 -22.32
CA LEU D 35 13.70 3.75 -22.52
C LEU D 35 14.26 4.35 -21.21
N SER D 36 15.48 4.13 -21.05
CA SER D 36 16.10 4.68 -19.76
C SER D 36 16.79 6.09 -19.82
N ALA D 37 16.13 6.97 -19.11
CA ALA D 37 16.68 8.41 -19.08
C ALA D 37 18.26 8.58 -19.13
N SER D 38 18.80 8.06 -18.06
CA SER D 38 20.34 8.02 -18.11
C SER D 38 20.85 7.08 -19.30
#